data_2XGQ
#
_entry.id   2XGQ
#
_cell.length_a   103.525
_cell.length_b   103.525
_cell.length_c   292.657
_cell.angle_alpha   90.00
_cell.angle_beta   90.00
_cell.angle_gamma   90.00
#
_symmetry.space_group_name_H-M   'P 41 21 2'
#
loop_
_entity.id
_entity.type
_entity.pdbx_description
1 polymer 'DNA POLYMERASE ETA'
2 polymer "5'-D(*GP*TP*GP*GP*AP*TP*GP*AP*G)-3'"
3 polymer "5'-D(*CP*8AG*CP*TP*CP*AP*TP*CP*CP*AP*C)-3'"
4 non-polymer 'CALCIUM ION'
5 water water
#
loop_
_entity_poly.entity_id
_entity_poly.type
_entity_poly.pdbx_seq_one_letter_code
_entity_poly.pdbx_strand_id
1 'polypeptide(L)'
;MASWSHPQFEKGASTSLYKKAGRMSKFTWKELIQLGSPSKAYESSLACIAHIDMNAFFAQVEQMRCGLSKEDPVVCVQWN
SIIAVSYAARKYGISRMDTIQEALKKCSNLIPIHTAVFKKGEDFWQYHDGCGSWVQDPAKQISVEDHKVSLEPYRRESRK
ALKIFKSACDLVERASIDEVFLDLGRICFNMLMFDNEYELTGDLKLKDALSNIREAFIGGNYDINSHLPLIPEKIKSLKF
EGDVFNPEGRDLITDWDDVILALGSQVCKGIRDSIKDILGYTTSCGLSSTKNVCKLASNYKKPDAQTIVKNDCLLDFLDC
GKFEITSFWTLGGVLGKELIDVLDLPHENSIKHIRETWPDNAGQLKEFLDAKVKQSDYDRSTSNIDPLKTADLAEKLFKL
SRGRYGLPLSSRPVVKSMMSNKNLRGKSCNSIVDCISWLEVFCAELTSRIQDLEQEYNKIVIPRTVSISLKTKSYEVYRK
SGPVAYKGINFQSHELLKVGIKFVTDLDIKGKNKSYYPLTKLSMTITNFDIIDLQK
;
A,B
2 'polydeoxyribonucleotide' (DG)(DT)(DG)(DG)(DA)(DT)(DG)(DA)(DG) P,Q
3 'polydeoxyribonucleotide' (DC)(8AG)(DC)(DT)(DC)(DA)(DT)(DC)(DC)(DA)(DC) T,U
#
# COMPACT_ATOMS: atom_id res chain seq x y z
N ARG A 23 -6.41 -17.64 30.48
CA ARG A 23 -6.98 -16.33 30.86
C ARG A 23 -6.72 -15.25 29.79
N MET A 24 -5.99 -15.60 28.74
CA MET A 24 -5.69 -14.61 27.68
C MET A 24 -5.79 -15.29 26.29
N SER A 25 -5.55 -14.53 25.23
CA SER A 25 -5.56 -15.07 23.86
C SER A 25 -4.27 -15.78 23.58
N LYS A 26 -4.25 -16.70 22.60
CA LYS A 26 -2.98 -17.30 22.21
C LYS A 26 -2.13 -16.35 21.33
N PHE A 27 -2.75 -15.30 20.81
CA PHE A 27 -2.06 -14.35 19.94
C PHE A 27 -1.63 -13.10 20.69
N THR A 28 -0.78 -12.31 20.05
CA THR A 28 -0.24 -11.10 20.66
C THR A 28 -0.67 -9.87 19.87
N TRP A 29 -0.52 -8.70 20.50
CA TRP A 29 -0.81 -7.42 19.85
C TRP A 29 -0.02 -7.24 18.56
N LYS A 30 1.24 -7.65 18.56
CA LYS A 30 2.07 -7.58 17.35
C LYS A 30 1.39 -8.27 16.18
N GLU A 31 0.79 -9.43 16.45
CA GLU A 31 0.12 -10.22 15.40
C GLU A 31 -1.15 -9.54 14.89
N LEU A 32 -1.85 -8.83 15.76
CA LEU A 32 -3.05 -8.13 15.35
C LEU A 32 -2.69 -6.87 14.56
N ILE A 33 -1.82 -6.01 15.10
CA ILE A 33 -1.49 -4.73 14.44
C ILE A 33 -0.95 -5.01 13.01
N GLN A 34 -0.26 -6.12 12.88
CA GLN A 34 0.39 -6.49 11.64
C GLN A 34 -0.59 -6.54 10.47
N LEU A 35 -1.83 -6.94 10.75
CA LEU A 35 -2.84 -7.04 9.74
C LEU A 35 -2.97 -5.75 8.95
N GLY A 36 -2.80 -4.63 9.62
CA GLY A 36 -2.81 -3.30 9.03
C GLY A 36 -1.73 -2.97 8.01
N SER A 37 -0.52 -3.47 8.20
CA SER A 37 0.57 -3.31 7.24
C SER A 37 0.34 -4.19 6.01
N PRO A 38 0.45 -3.64 4.80
CA PRO A 38 0.35 -4.47 3.58
C PRO A 38 1.60 -5.27 3.29
N SER A 39 2.72 -4.88 3.89
CA SER A 39 3.97 -5.57 3.66
C SER A 39 4.07 -6.86 4.51
N LYS A 40 3.67 -6.78 5.78
CA LYS A 40 3.82 -7.93 6.70
C LYS A 40 2.52 -8.70 7.08
N ALA A 41 1.35 -8.30 6.60
CA ALA A 41 0.08 -8.94 7.03
C ALA A 41 0.02 -10.48 6.84
N TYR A 42 0.64 -10.99 5.78
CA TYR A 42 0.64 -12.43 5.50
C TYR A 42 1.42 -13.28 6.53
N GLU A 43 2.39 -12.69 7.24
CA GLU A 43 3.24 -13.41 8.20
C GLU A 43 2.53 -13.72 9.52
N SER A 44 1.49 -12.94 9.81
CA SER A 44 0.75 -13.05 11.09
C SER A 44 0.00 -14.39 11.12
N SER A 45 -0.11 -15.01 12.30
CA SER A 45 -1.02 -16.18 12.48
C SER A 45 -2.50 -15.78 12.21
N LEU A 46 -2.82 -14.53 12.49
CA LEU A 46 -4.15 -13.98 12.25
C LEU A 46 -4.36 -13.51 10.78
N ALA A 47 -3.56 -13.95 9.83
CA ALA A 47 -3.87 -13.56 8.47
C ALA A 47 -5.34 -13.88 8.06
N CYS A 48 -5.89 -13.10 7.14
CA CYS A 48 -7.19 -13.41 6.54
C CYS A 48 -7.12 -13.25 5.03
N ILE A 49 -6.89 -14.37 4.34
CA ILE A 49 -6.65 -14.41 2.91
C ILE A 49 -7.84 -15.07 2.25
N ALA A 50 -8.12 -14.65 1.02
CA ALA A 50 -9.22 -15.17 0.24
C ALA A 50 -8.76 -15.56 -1.17
N HIS A 51 -9.11 -16.74 -1.64
CA HIS A 51 -8.92 -17.07 -3.05
C HIS A 51 -10.31 -17.06 -3.66
N ILE A 52 -10.43 -16.32 -4.77
CA ILE A 52 -11.67 -16.20 -5.50
C ILE A 52 -11.45 -16.69 -6.94
N ASP A 53 -12.36 -17.54 -7.39
CA ASP A 53 -12.22 -18.29 -8.64
C ASP A 53 -13.54 -18.23 -9.42
N MET A 54 -13.48 -17.65 -10.62
CA MET A 54 -14.60 -17.63 -11.54
C MET A 54 -14.63 -18.92 -12.32
N ASN A 55 -15.53 -19.82 -11.99
CA ASN A 55 -15.50 -21.11 -12.64
C ASN A 55 -16.01 -21.13 -14.04
N ALA A 56 -15.43 -22.00 -14.85
CA ALA A 56 -15.85 -22.16 -16.23
C ALA A 56 -15.91 -20.78 -16.83
N PHE A 57 -14.83 -20.04 -16.68
CA PHE A 57 -14.81 -18.63 -16.99
C PHE A 57 -15.13 -18.31 -18.43
N PHE A 58 -14.49 -18.98 -19.38
CA PHE A 58 -14.74 -18.65 -20.77
C PHE A 58 -16.20 -18.98 -21.09
N ALA A 59 -16.72 -20.01 -20.45
CA ALA A 59 -18.10 -20.40 -20.68
C ALA A 59 -19.04 -19.30 -20.21
N GLN A 60 -18.74 -18.72 -19.06
CA GLN A 60 -19.52 -17.63 -18.50
C GLN A 60 -19.45 -16.37 -19.35
N VAL A 61 -18.26 -16.09 -19.88
CA VAL A 61 -18.05 -14.91 -20.69
C VAL A 61 -18.92 -14.98 -21.92
N GLU A 62 -18.99 -16.16 -22.50
CA GLU A 62 -19.82 -16.37 -23.70
C GLU A 62 -21.30 -16.41 -23.39
N GLN A 63 -21.63 -17.02 -22.25
CA GLN A 63 -23.01 -17.05 -21.76
C GLN A 63 -23.54 -15.63 -21.59
N MET A 64 -22.74 -14.79 -20.96
CA MET A 64 -23.17 -13.44 -20.67
C MET A 64 -23.18 -12.61 -21.93
N ARG A 65 -22.23 -12.88 -22.83
CA ARG A 65 -22.14 -12.10 -24.05
C ARG A 65 -23.42 -12.26 -24.86
N CYS A 66 -23.92 -13.47 -24.97
CA CYS A 66 -25.10 -13.76 -25.78
C CYS A 66 -26.42 -13.63 -25.02
N GLY A 67 -26.40 -13.02 -23.84
CA GLY A 67 -27.62 -12.85 -23.04
C GLY A 67 -28.22 -14.12 -22.44
N LEU A 68 -27.48 -15.23 -22.47
CA LEU A 68 -27.96 -16.50 -21.95
C LEU A 68 -27.89 -16.57 -20.41
N SER A 69 -28.39 -17.65 -19.83
CA SER A 69 -28.50 -17.75 -18.37
C SER A 69 -27.72 -18.94 -17.84
N LYS A 70 -27.57 -19.03 -16.52
CA LYS A 70 -26.80 -20.13 -15.96
C LYS A 70 -27.48 -21.51 -16.16
N GLU A 71 -28.78 -21.50 -16.47
CA GLU A 71 -29.49 -22.73 -16.83
C GLU A 71 -29.13 -23.30 -18.23
N ASP A 72 -28.63 -22.48 -19.15
CA ASP A 72 -28.36 -22.95 -20.52
C ASP A 72 -27.02 -23.69 -20.67
N PRO A 73 -27.01 -24.84 -21.32
CA PRO A 73 -25.79 -25.62 -21.37
C PRO A 73 -24.81 -25.15 -22.42
N VAL A 74 -24.22 -23.99 -22.18
CA VAL A 74 -23.16 -23.47 -23.02
C VAL A 74 -21.83 -24.18 -22.83
N VAL A 75 -21.10 -24.37 -23.92
CA VAL A 75 -19.75 -24.88 -23.87
C VAL A 75 -18.95 -23.99 -24.79
N CYS A 76 -17.68 -23.80 -24.46
CA CYS A 76 -16.80 -22.95 -25.25
C CYS A 76 -15.89 -23.83 -26.09
N VAL A 77 -15.77 -23.52 -27.36
CA VAL A 77 -15.06 -24.41 -28.31
C VAL A 77 -13.92 -23.75 -29.08
N GLN A 78 -12.82 -24.48 -29.23
CA GLN A 78 -11.73 -24.06 -30.07
C GLN A 78 -11.58 -25.22 -31.03
N TRP A 79 -11.73 -24.96 -32.32
CA TRP A 79 -11.61 -26.03 -33.30
C TRP A 79 -12.55 -27.18 -32.90
N ASN A 80 -12.03 -28.38 -32.71
CA ASN A 80 -12.87 -29.50 -32.30
C ASN A 80 -12.89 -29.76 -30.78
N SER A 81 -12.15 -28.95 -30.04
CA SER A 81 -11.98 -29.13 -28.60
C SER A 81 -12.91 -28.23 -27.78
N ILE A 82 -13.68 -28.85 -26.89
CA ILE A 82 -14.39 -28.10 -25.84
C ILE A 82 -13.35 -27.60 -24.82
N ILE A 83 -13.19 -26.29 -24.72
CA ILE A 83 -12.15 -25.68 -23.84
C ILE A 83 -12.68 -25.06 -22.55
N ALA A 84 -13.99 -25.14 -22.32
CA ALA A 84 -14.60 -24.72 -21.06
C ALA A 84 -16.04 -25.20 -21.06
N VAL A 85 -16.47 -25.82 -19.97
CA VAL A 85 -17.81 -26.37 -19.89
C VAL A 85 -18.62 -25.73 -18.77
N SER A 86 -19.77 -25.16 -19.12
CA SER A 86 -20.67 -24.60 -18.12
C SER A 86 -21.15 -25.69 -17.17
N TYR A 87 -21.70 -25.28 -16.05
CA TYR A 87 -22.14 -26.22 -15.06
C TYR A 87 -23.49 -26.80 -15.42
N ALA A 88 -24.28 -26.06 -16.18
CA ALA A 88 -25.51 -26.63 -16.74
C ALA A 88 -25.17 -27.85 -17.61
N ALA A 89 -24.06 -27.79 -18.33
CA ALA A 89 -23.70 -28.86 -19.24
C ALA A 89 -22.90 -29.93 -18.54
N ARG A 90 -22.21 -29.56 -17.46
CA ARG A 90 -21.49 -30.55 -16.64
C ARG A 90 -22.46 -31.50 -16.00
N LYS A 91 -23.63 -30.98 -15.62
CA LYS A 91 -24.69 -31.77 -15.01
C LYS A 91 -25.15 -32.92 -15.91
N TYR A 92 -25.03 -32.73 -17.22
CA TYR A 92 -25.29 -33.77 -18.20
C TYR A 92 -24.06 -34.64 -18.51
N GLY A 93 -23.05 -34.57 -17.64
CA GLY A 93 -21.86 -35.42 -17.77
C GLY A 93 -20.83 -34.97 -18.79
N ILE A 94 -20.97 -33.74 -19.25
CA ILE A 94 -20.06 -33.20 -20.25
C ILE A 94 -18.78 -32.70 -19.64
N SER A 95 -17.70 -32.91 -20.36
CA SER A 95 -16.37 -32.59 -19.91
C SER A 95 -15.46 -32.17 -21.05
N ARG A 96 -14.32 -31.59 -20.71
CA ARG A 96 -13.33 -31.13 -21.68
C ARG A 96 -12.65 -32.18 -22.55
N MET A 97 -12.40 -33.35 -21.99
CA MET A 97 -11.76 -34.42 -22.74
C MET A 97 -12.68 -34.83 -23.90
N ASP A 98 -13.96 -34.53 -23.74
CA ASP A 98 -15.01 -34.80 -24.75
C ASP A 98 -14.91 -33.98 -26.03
N THR A 99 -15.25 -34.58 -27.16
CA THR A 99 -15.32 -33.88 -28.44
C THR A 99 -16.72 -33.27 -28.52
N ILE A 100 -16.91 -32.24 -29.34
CA ILE A 100 -18.23 -31.64 -29.45
C ILE A 100 -19.21 -32.67 -29.95
N GLN A 101 -18.75 -33.51 -30.88
CA GLN A 101 -19.58 -34.56 -31.42
C GLN A 101 -19.93 -35.52 -30.33
N GLU A 102 -18.94 -35.90 -29.53
CA GLU A 102 -19.19 -36.78 -28.39
C GLU A 102 -20.08 -36.06 -27.42
N ALA A 103 -19.82 -34.76 -27.25
CA ALA A 103 -20.55 -33.88 -26.34
C ALA A 103 -22.03 -33.78 -26.66
N LEU A 104 -22.32 -33.55 -27.93
CA LEU A 104 -23.68 -33.37 -28.40
C LEU A 104 -24.58 -34.56 -28.14
N LYS A 105 -24.04 -35.76 -28.25
CA LYS A 105 -24.85 -36.97 -28.03
C LYS A 105 -25.46 -36.99 -26.63
N LYS A 106 -24.69 -36.55 -25.64
CA LYS A 106 -25.17 -36.53 -24.26
C LYS A 106 -26.24 -35.48 -23.93
N CYS A 107 -26.09 -34.26 -24.41
CA CYS A 107 -27.05 -33.20 -24.09
C CYS A 107 -28.00 -32.85 -25.22
N SER A 108 -27.50 -32.82 -26.46
CA SER A 108 -28.37 -32.55 -27.61
C SER A 108 -28.83 -31.11 -27.71
N ASN A 109 -29.35 -30.58 -26.61
CA ASN A 109 -29.81 -29.19 -26.55
C ASN A 109 -28.70 -28.26 -26.10
N LEU A 110 -27.48 -28.79 -26.18
CA LEU A 110 -26.27 -28.11 -25.82
C LEU A 110 -26.07 -26.90 -26.69
N ILE A 111 -25.56 -25.81 -26.12
CA ILE A 111 -25.27 -24.62 -26.89
C ILE A 111 -23.77 -24.46 -26.95
N PRO A 112 -23.21 -24.56 -28.16
CA PRO A 112 -21.77 -24.40 -28.30
C PRO A 112 -21.42 -23.11 -29.01
N ILE A 113 -20.57 -22.32 -28.38
CA ILE A 113 -20.15 -21.06 -28.95
C ILE A 113 -18.66 -21.11 -29.17
N HIS A 114 -18.24 -20.88 -30.40
CA HIS A 114 -16.83 -20.90 -30.77
C HIS A 114 -16.11 -19.62 -30.33
N THR A 115 -14.82 -19.74 -30.04
CA THR A 115 -14.02 -18.59 -29.65
C THR A 115 -13.84 -17.67 -30.86
N ALA A 116 -13.76 -16.36 -30.60
CA ALA A 116 -13.61 -15.40 -31.69
C ALA A 116 -12.31 -15.68 -32.42
N VAL A 117 -12.30 -15.45 -33.72
CA VAL A 117 -11.10 -15.70 -34.52
C VAL A 117 -10.65 -14.60 -35.48
N PHE A 118 -9.37 -14.67 -35.87
CA PHE A 118 -8.76 -13.76 -36.83
C PHE A 118 -8.73 -14.47 -38.18
N LYS A 119 -9.05 -13.78 -39.25
CA LYS A 119 -8.92 -14.39 -40.60
C LYS A 119 -7.63 -13.91 -41.26
N LYS A 120 -7.02 -14.79 -42.07
CA LYS A 120 -5.78 -14.48 -42.80
C LYS A 120 -5.90 -13.11 -43.51
N GLY A 121 -4.95 -12.22 -43.23
CA GLY A 121 -4.88 -10.91 -43.86
C GLY A 121 -5.98 -9.94 -43.44
N GLU A 122 -6.32 -9.98 -42.16
CA GLU A 122 -7.22 -9.02 -41.55
C GLU A 122 -6.64 -8.64 -40.21
N ASP A 123 -6.84 -7.41 -39.75
CA ASP A 123 -6.23 -6.99 -38.49
C ASP A 123 -7.25 -6.80 -37.40
N PHE A 124 -8.21 -7.69 -37.34
CA PHE A 124 -9.26 -7.63 -36.34
C PHE A 124 -9.85 -9.03 -36.17
N TRP A 125 -10.33 -9.33 -34.97
CA TRP A 125 -10.97 -10.62 -34.73
C TRP A 125 -12.49 -10.46 -34.80
N GLN A 126 -13.19 -11.58 -34.73
CA GLN A 126 -14.61 -11.58 -34.98
C GLN A 126 -15.24 -12.88 -34.46
N TYR A 127 -16.47 -12.77 -33.95
CA TYR A 127 -17.28 -13.92 -33.63
C TYR A 127 -18.06 -14.32 -34.85
N HIS A 128 -18.15 -15.64 -35.06
CA HIS A 128 -19.02 -16.24 -36.04
C HIS A 128 -19.98 -17.21 -35.34
N ASP A 129 -20.92 -16.67 -34.58
CA ASP A 129 -21.91 -17.49 -33.91
C ASP A 129 -22.70 -18.29 -34.95
N GLY A 130 -23.09 -19.51 -34.59
CA GLY A 130 -23.68 -20.44 -35.56
C GLY A 130 -22.72 -20.88 -36.67
N CYS A 131 -21.43 -20.81 -36.40
CA CYS A 131 -20.42 -21.35 -37.29
C CYS A 131 -19.47 -22.21 -36.43
N GLY A 132 -18.99 -23.31 -36.99
CA GLY A 132 -18.23 -24.32 -36.22
C GLY A 132 -18.27 -25.70 -36.86
N SER A 133 -17.36 -26.58 -36.41
CA SER A 133 -17.26 -27.94 -36.96
C SER A 133 -18.52 -28.79 -36.74
N TRP A 134 -19.27 -28.50 -35.69
CA TRP A 134 -20.50 -29.24 -35.38
C TRP A 134 -21.70 -28.92 -36.28
N VAL A 135 -21.62 -27.84 -37.03
CA VAL A 135 -22.69 -27.45 -37.92
C VAL A 135 -22.56 -28.19 -39.24
N GLN A 136 -23.67 -28.77 -39.68
CA GLN A 136 -23.72 -29.55 -40.90
C GLN A 136 -23.46 -28.79 -42.20
N ASP A 137 -24.02 -27.59 -42.33
CA ASP A 137 -23.84 -26.84 -43.57
C ASP A 137 -22.37 -26.53 -43.76
N PRO A 138 -21.85 -26.78 -44.95
CA PRO A 138 -20.40 -26.55 -45.17
C PRO A 138 -20.01 -25.08 -45.43
N ALA A 139 -20.99 -24.23 -45.72
CA ALA A 139 -20.79 -22.78 -45.83
C ALA A 139 -20.79 -22.06 -44.46
N LYS A 140 -20.96 -22.83 -43.38
CA LYS A 140 -20.93 -22.28 -42.01
C LYS A 140 -19.81 -22.92 -41.19
N GLN A 141 -18.63 -23.02 -41.80
CA GLN A 141 -17.45 -23.64 -41.17
C GLN A 141 -16.36 -22.64 -40.85
N ILE A 142 -15.78 -22.72 -39.65
CA ILE A 142 -14.62 -21.92 -39.32
C ILE A 142 -13.37 -22.72 -39.66
N SER A 143 -12.86 -22.48 -40.85
CA SER A 143 -11.68 -23.16 -41.32
C SER A 143 -10.48 -22.88 -40.46
N VAL A 144 -9.82 -23.93 -40.02
CA VAL A 144 -8.59 -23.89 -39.27
C VAL A 144 -7.44 -23.36 -40.11
N GLU A 145 -7.49 -23.67 -41.38
CA GLU A 145 -6.41 -23.35 -42.28
C GLU A 145 -6.12 -21.88 -42.39
N ASP A 146 -7.15 -21.05 -42.44
CA ASP A 146 -6.96 -19.61 -42.59
C ASP A 146 -7.40 -18.75 -41.41
N HIS A 147 -7.64 -19.37 -40.26
CA HIS A 147 -8.10 -18.64 -39.09
C HIS A 147 -7.23 -18.85 -37.86
N LYS A 148 -7.10 -17.82 -37.05
CA LYS A 148 -6.37 -17.92 -35.79
C LYS A 148 -7.26 -17.48 -34.64
N VAL A 149 -7.28 -18.27 -33.58
CA VAL A 149 -8.10 -17.99 -32.40
C VAL A 149 -7.65 -16.75 -31.62
N SER A 150 -8.64 -16.05 -31.02
CA SER A 150 -8.40 -14.87 -30.18
C SER A 150 -8.96 -15.08 -28.78
N LEU A 151 -8.14 -14.82 -27.76
CA LEU A 151 -8.59 -14.90 -26.36
C LEU A 151 -8.80 -13.52 -25.74
N GLU A 152 -8.74 -12.49 -26.58
CA GLU A 152 -8.94 -11.10 -26.15
C GLU A 152 -10.21 -10.88 -25.34
N PRO A 153 -11.35 -11.42 -25.79
CA PRO A 153 -12.56 -11.22 -25.00
C PRO A 153 -12.40 -11.68 -23.56
N TYR A 154 -11.68 -12.78 -23.36
CA TYR A 154 -11.53 -13.34 -22.03
C TYR A 154 -10.50 -12.53 -21.25
N ARG A 155 -9.41 -12.14 -21.91
CA ARG A 155 -8.44 -11.21 -21.32
C ARG A 155 -9.15 -9.95 -20.83
N ARG A 156 -10.07 -9.44 -21.64
CA ARG A 156 -10.71 -8.17 -21.34
C ARG A 156 -11.72 -8.25 -20.24
N GLU A 157 -12.40 -9.37 -20.14
CA GLU A 157 -13.41 -9.56 -19.09
C GLU A 157 -12.72 -9.76 -17.74
N SER A 158 -11.57 -10.40 -17.75
CA SER A 158 -10.75 -10.61 -16.57
C SER A 158 -10.25 -9.30 -15.98
N ARG A 159 -9.86 -8.40 -16.84
CA ARG A 159 -9.37 -7.10 -16.48
C ARG A 159 -10.49 -6.33 -15.78
N LYS A 160 -11.70 -6.52 -16.25
CA LYS A 160 -12.87 -5.91 -15.64
C LYS A 160 -13.10 -6.42 -14.23
N ALA A 161 -12.94 -7.71 -14.02
CA ALA A 161 -13.06 -8.33 -12.71
C ALA A 161 -12.05 -7.70 -11.76
N LEU A 162 -10.81 -7.59 -12.22
CA LEU A 162 -9.73 -7.06 -11.39
C LEU A 162 -10.07 -5.69 -10.84
N LYS A 163 -10.49 -4.81 -11.72
CA LYS A 163 -10.84 -3.47 -11.33
C LYS A 163 -11.88 -3.48 -10.19
N ILE A 164 -12.88 -4.35 -10.28
CA ILE A 164 -13.87 -4.47 -9.23
C ILE A 164 -13.24 -4.98 -7.91
N PHE A 165 -12.29 -5.92 -8.04
CA PHE A 165 -11.57 -6.46 -6.87
C PHE A 165 -10.71 -5.41 -6.22
N LYS A 166 -9.92 -4.70 -7.02
CA LYS A 166 -9.01 -3.63 -6.53
C LYS A 166 -9.70 -2.40 -5.89
N SER A 167 -10.90 -2.07 -6.36
CA SER A 167 -11.75 -1.07 -5.73
C SER A 167 -11.97 -1.40 -4.26
N ALA A 168 -12.20 -2.68 -3.98
CA ALA A 168 -12.67 -3.15 -2.68
C ALA A 168 -11.56 -3.59 -1.72
N CYS A 169 -10.39 -3.91 -2.26
CA CYS A 169 -9.29 -4.38 -1.45
C CYS A 169 -7.96 -3.79 -1.91
N ASP A 170 -7.09 -3.49 -0.96
CA ASP A 170 -5.86 -2.75 -1.25
C ASP A 170 -4.67 -3.62 -1.62
N LEU A 171 -4.87 -4.94 -1.61
CA LEU A 171 -3.80 -5.87 -1.94
C LEU A 171 -4.45 -7.07 -2.60
N VAL A 172 -4.44 -7.03 -3.92
CA VAL A 172 -5.05 -8.01 -4.77
C VAL A 172 -3.95 -8.63 -5.63
N GLU A 173 -3.83 -9.96 -5.62
CA GLU A 173 -2.93 -10.66 -6.53
C GLU A 173 -3.73 -11.37 -7.62
N ARG A 174 -3.29 -11.19 -8.86
CA ARG A 174 -3.86 -11.90 -10.01
C ARG A 174 -3.16 -13.24 -10.13
N ALA A 175 -3.82 -14.31 -9.74
CA ALA A 175 -3.19 -15.63 -9.73
C ALA A 175 -3.26 -16.24 -11.10
N SER A 176 -4.32 -15.92 -11.83
CA SER A 176 -4.48 -16.36 -13.23
C SER A 176 -5.57 -15.55 -13.92
N ILE A 177 -5.87 -15.86 -15.17
CA ILE A 177 -6.89 -15.12 -15.89
C ILE A 177 -8.22 -15.12 -15.15
N ASP A 178 -8.48 -16.17 -14.38
CA ASP A 178 -9.78 -16.33 -13.71
C ASP A 178 -9.72 -16.42 -12.21
N GLU A 179 -8.54 -16.22 -11.63
CA GLU A 179 -8.37 -16.32 -10.19
C GLU A 179 -7.67 -15.13 -9.59
N VAL A 180 -8.04 -14.80 -8.35
CA VAL A 180 -7.38 -13.76 -7.59
C VAL A 180 -7.20 -14.16 -6.14
N PHE A 181 -6.28 -13.48 -5.50
CA PHE A 181 -6.03 -13.64 -4.09
C PHE A 181 -6.28 -12.30 -3.47
N LEU A 182 -6.99 -12.26 -2.35
CA LEU A 182 -7.20 -11.01 -1.61
C LEU A 182 -6.59 -11.11 -0.20
N ASP A 183 -5.96 -10.05 0.25
CA ASP A 183 -5.50 -9.98 1.62
C ASP A 183 -6.46 -9.03 2.26
N LEU A 184 -7.23 -9.54 3.20
CA LEU A 184 -8.30 -8.78 3.79
C LEU A 184 -7.98 -8.14 5.10
N GLY A 185 -6.72 -8.20 5.52
CA GLY A 185 -6.34 -7.71 6.81
C GLY A 185 -6.55 -6.27 7.19
N ARG A 186 -6.28 -5.32 6.30
CA ARG A 186 -6.66 -3.94 6.59
CA ARG A 186 -6.67 -3.94 6.60
C ARG A 186 -8.16 -3.84 6.87
N ILE A 187 -8.98 -4.31 5.93
CA ILE A 187 -10.41 -4.16 6.08
C ILE A 187 -10.85 -4.81 7.40
N CYS A 188 -10.40 -6.04 7.66
CA CYS A 188 -10.80 -6.74 8.87
C CYS A 188 -10.37 -6.02 10.15
N PHE A 189 -9.12 -5.55 10.17
CA PHE A 189 -8.58 -4.82 11.32
C PHE A 189 -9.34 -3.54 11.58
N ASN A 190 -9.56 -2.77 10.52
CA ASN A 190 -10.30 -1.53 10.60
C ASN A 190 -11.74 -1.73 11.03
N MET A 191 -12.41 -2.74 10.49
CA MET A 191 -13.74 -3.07 10.95
C MET A 191 -13.72 -3.35 12.43
N LEU A 192 -12.71 -4.11 12.86
CA LEU A 192 -12.62 -4.62 14.22
C LEU A 192 -12.50 -3.46 15.19
N MET A 193 -11.66 -2.48 14.89
CA MET A 193 -11.34 -1.42 15.85
C MET A 193 -12.16 -0.12 15.73
N PHE A 194 -12.72 0.15 14.54
CA PHE A 194 -13.32 1.47 14.24
C PHE A 194 -14.73 1.50 13.60
N ASP A 195 -15.19 0.39 13.07
CA ASP A 195 -16.50 0.39 12.44
C ASP A 195 -17.57 0.48 13.51
N ASN A 196 -18.41 1.51 13.40
CA ASN A 196 -19.50 1.75 14.36
C ASN A 196 -20.91 1.42 13.84
N GLU A 197 -21.03 1.24 12.54
CA GLU A 197 -22.29 0.88 11.89
C GLU A 197 -22.73 -0.58 12.02
N TYR A 198 -21.79 -1.51 11.89
CA TYR A 198 -22.09 -2.93 11.79
C TYR A 198 -22.76 -3.45 13.05
N GLU A 199 -23.87 -4.16 12.86
CA GLU A 199 -24.70 -4.70 13.94
C GLU A 199 -24.61 -6.22 13.94
N LEU A 200 -24.28 -6.80 15.09
CA LEU A 200 -24.24 -8.26 15.24
C LEU A 200 -25.66 -8.76 15.20
N THR A 201 -26.48 -8.11 16.01
CA THR A 201 -27.93 -8.28 15.98
C THR A 201 -28.56 -6.88 16.04
N GLY A 202 -29.82 -6.76 15.60
CA GLY A 202 -30.55 -5.48 15.66
C GLY A 202 -30.69 -4.92 17.07
N ASP A 203 -30.10 -5.63 18.03
CA ASP A 203 -30.00 -5.24 19.45
C ASP A 203 -28.58 -4.84 19.88
N LEU A 204 -27.56 -5.39 19.21
CA LEU A 204 -26.15 -5.28 19.66
C LEU A 204 -25.21 -4.91 18.50
N LYS A 205 -24.48 -3.81 18.68
CA LYS A 205 -23.54 -3.29 17.67
C LYS A 205 -22.13 -3.76 17.94
N LEU A 206 -21.32 -3.89 16.87
CA LEU A 206 -19.90 -4.25 16.97
C LEU A 206 -19.14 -3.44 18.02
N LYS A 207 -19.30 -2.11 17.94
CA LYS A 207 -18.57 -1.22 18.84
C LYS A 207 -18.79 -1.56 20.31
N ASP A 208 -19.99 -2.02 20.65
CA ASP A 208 -20.30 -2.41 22.03
C ASP A 208 -19.66 -3.76 22.38
N ALA A 209 -19.81 -4.75 21.50
CA ALA A 209 -19.27 -6.08 21.78
C ALA A 209 -17.77 -6.05 21.95
N LEU A 210 -17.09 -5.26 21.14
CA LEU A 210 -15.64 -5.22 21.12
C LEU A 210 -15.05 -4.02 21.86
N SER A 211 -15.77 -3.47 22.83
CA SER A 211 -15.33 -2.27 23.56
C SER A 211 -14.05 -2.44 24.38
N ASN A 212 -13.92 -3.59 25.02
CA ASN A 212 -12.71 -3.94 25.79
C ASN A 212 -11.47 -3.83 24.91
N ILE A 213 -11.45 -4.54 23.80
CA ILE A 213 -10.27 -4.55 22.94
C ILE A 213 -10.03 -3.18 22.31
N ARG A 214 -11.08 -2.45 21.98
CA ARG A 214 -10.90 -1.13 21.35
C ARG A 214 -10.28 -0.09 22.27
N GLU A 215 -10.76 -0.01 23.53
CA GLU A 215 -10.16 0.90 24.52
C GLU A 215 -8.70 0.55 24.71
N ALA A 216 -8.42 -0.75 24.78
CA ALA A 216 -7.09 -1.23 25.09
C ALA A 216 -6.16 -0.81 23.98
N PHE A 217 -6.66 -0.87 22.74
CA PHE A 217 -5.87 -0.52 21.56
C PHE A 217 -5.52 0.93 21.63
N ILE A 218 -6.56 1.77 21.68
CA ILE A 218 -6.40 3.22 21.64
C ILE A 218 -5.54 3.75 22.80
N GLY A 219 -5.69 3.13 23.97
CA GLY A 219 -5.03 3.54 25.20
C GLY A 219 -3.54 3.41 25.18
N GLY A 220 -3.05 2.47 24.38
CA GLY A 220 -1.63 2.33 24.10
C GLY A 220 -0.76 1.71 25.20
N ASN A 221 -1.37 1.37 26.33
CA ASN A 221 -0.61 0.84 27.48
C ASN A 221 -0.41 -0.69 27.40
N TYR A 222 0.05 -1.18 26.25
CA TYR A 222 0.34 -2.60 26.06
C TYR A 222 1.72 -2.79 25.43
N ASP A 223 2.33 -3.91 25.74
CA ASP A 223 3.58 -4.31 25.12
C ASP A 223 3.18 -5.07 23.88
N ILE A 224 3.87 -4.83 22.78
CA ILE A 224 3.50 -5.48 21.53
C ILE A 224 3.74 -6.99 21.55
N ASN A 225 4.51 -7.52 22.49
CA ASN A 225 4.55 -8.99 22.71
C ASN A 225 3.53 -9.52 23.72
N SER A 226 2.79 -8.64 24.38
CA SER A 226 1.70 -9.07 25.29
C SER A 226 0.65 -9.84 24.50
N HIS A 227 0.07 -10.86 25.13
CA HIS A 227 -1.07 -11.55 24.56
C HIS A 227 -2.27 -10.64 24.63
N LEU A 228 -3.20 -10.82 23.69
CA LEU A 228 -4.41 -10.01 23.64
C LEU A 228 -5.32 -10.47 24.75
N PRO A 229 -6.26 -9.61 25.16
CA PRO A 229 -7.33 -10.11 26.01
C PRO A 229 -8.08 -11.29 25.37
N LEU A 230 -8.87 -11.98 26.17
CA LEU A 230 -9.71 -13.05 25.67
C LEU A 230 -10.81 -12.42 24.86
N ILE A 231 -11.31 -13.14 23.86
CA ILE A 231 -12.52 -12.71 23.18
C ILE A 231 -13.61 -12.60 24.23
N PRO A 232 -14.38 -11.51 24.22
CA PRO A 232 -15.53 -11.41 25.10
C PRO A 232 -16.71 -12.26 24.57
N GLU A 233 -17.53 -12.79 25.47
CA GLU A 233 -18.65 -13.64 25.07
C GLU A 233 -19.52 -13.06 23.95
N LYS A 234 -19.66 -11.73 23.92
CA LYS A 234 -20.63 -11.10 23.01
C LYS A 234 -20.25 -11.31 21.54
N ILE A 235 -18.96 -11.36 21.25
CA ILE A 235 -18.50 -11.44 19.86
C ILE A 235 -18.91 -12.77 19.20
N LYS A 236 -19.35 -13.73 19.99
CA LYS A 236 -19.82 -15.01 19.47
C LYS A 236 -21.15 -14.93 18.68
N SER A 237 -21.88 -13.82 18.80
CA SER A 237 -22.99 -13.48 17.89
C SER A 237 -22.55 -13.14 16.47
N LEU A 238 -21.24 -12.99 16.26
CA LEU A 238 -20.70 -12.63 14.96
C LEU A 238 -20.88 -13.83 14.03
N LYS A 239 -21.59 -13.64 12.93
CA LYS A 239 -21.90 -14.73 11.98
C LYS A 239 -20.87 -14.87 10.87
N PHE A 240 -20.56 -16.12 10.54
CA PHE A 240 -19.80 -16.44 9.34
C PHE A 240 -20.75 -16.48 8.12
N GLU A 241 -20.42 -15.72 7.07
CA GLU A 241 -21.13 -15.88 5.81
C GLU A 241 -20.42 -16.97 5.02
N GLY A 242 -21.16 -18.01 4.63
CA GLY A 242 -20.58 -19.13 3.89
C GLY A 242 -20.58 -20.41 4.72
N ASP A 243 -19.99 -21.46 4.16
CA ASP A 243 -19.91 -22.76 4.81
C ASP A 243 -18.65 -22.84 5.62
N VAL A 244 -18.79 -23.09 6.92
CA VAL A 244 -17.65 -23.20 7.83
C VAL A 244 -17.26 -24.67 8.01
N PHE A 245 -16.20 -25.10 7.32
CA PHE A 245 -15.80 -26.49 7.34
C PHE A 245 -15.51 -26.96 8.75
N ASN A 246 -16.34 -27.88 9.27
CA ASN A 246 -16.32 -28.18 10.72
C ASN A 246 -16.93 -29.54 11.04
N PRO A 247 -16.38 -30.62 10.46
CA PRO A 247 -16.96 -31.95 10.66
C PRO A 247 -16.78 -32.57 12.07
N GLU A 248 -15.99 -31.94 12.94
CA GLU A 248 -15.93 -32.37 14.34
C GLU A 248 -16.75 -31.47 15.25
N GLY A 249 -17.43 -30.48 14.66
CA GLY A 249 -18.32 -29.60 15.42
C GLY A 249 -17.64 -28.78 16.50
N ARG A 250 -16.50 -28.20 16.14
CA ARG A 250 -15.79 -27.25 17.00
C ARG A 250 -16.61 -25.96 17.12
N ASP A 251 -16.35 -25.17 18.14
CA ASP A 251 -17.11 -23.94 18.33
C ASP A 251 -16.67 -22.94 17.27
N LEU A 252 -17.54 -22.05 16.82
CA LEU A 252 -17.16 -21.17 15.72
C LEU A 252 -16.10 -20.12 16.12
N ILE A 253 -16.38 -19.39 17.21
CA ILE A 253 -15.55 -18.28 17.63
C ILE A 253 -14.93 -18.56 18.97
N THR A 254 -13.63 -18.87 18.97
CA THR A 254 -12.93 -19.21 20.22
C THR A 254 -11.71 -18.34 20.50
N ASP A 255 -11.35 -17.49 19.54
CA ASP A 255 -10.16 -16.65 19.62
C ASP A 255 -10.13 -15.68 18.42
N TRP A 256 -9.27 -14.67 18.53
CA TRP A 256 -9.33 -13.54 17.62
C TRP A 256 -9.18 -13.87 16.12
N ASP A 257 -8.49 -14.96 15.82
CA ASP A 257 -8.35 -15.40 14.44
C ASP A 257 -9.71 -15.72 13.82
N ASP A 258 -10.57 -16.39 14.59
CA ASP A 258 -11.95 -16.66 14.18
C ASP A 258 -12.74 -15.37 13.98
N VAL A 259 -12.56 -14.39 14.85
CA VAL A 259 -13.34 -13.16 14.75
C VAL A 259 -12.97 -12.43 13.45
N ILE A 260 -11.66 -12.37 13.17
CA ILE A 260 -11.18 -11.78 11.93
C ILE A 260 -11.67 -12.56 10.72
N LEU A 261 -11.61 -13.88 10.80
CA LEU A 261 -12.04 -14.71 9.69
C LEU A 261 -13.55 -14.49 9.38
N ALA A 262 -14.38 -14.38 10.43
CA ALA A 262 -15.82 -14.15 10.27
C ALA A 262 -16.06 -12.80 9.61
N LEU A 263 -15.30 -11.78 10.02
CA LEU A 263 -15.42 -10.46 9.40
C LEU A 263 -15.02 -10.51 7.93
N GLY A 264 -13.89 -11.16 7.64
CA GLY A 264 -13.47 -11.35 6.26
C GLY A 264 -14.50 -12.04 5.38
N SER A 265 -15.28 -12.96 5.95
CA SER A 265 -16.23 -13.69 5.15
C SER A 265 -17.36 -12.80 4.67
N GLN A 266 -17.76 -11.84 5.51
CA GLN A 266 -18.80 -10.89 5.17
C GLN A 266 -18.29 -9.95 4.09
N VAL A 267 -17.09 -9.44 4.28
CA VAL A 267 -16.47 -8.53 3.34
C VAL A 267 -16.41 -9.20 1.98
N CYS A 268 -16.04 -10.47 2.01
CA CYS A 268 -15.80 -11.26 0.82
C CYS A 268 -17.08 -11.49 0.04
N LYS A 269 -18.18 -11.78 0.72
CA LYS A 269 -19.45 -11.98 0.04
C LYS A 269 -19.82 -10.71 -0.73
N GLY A 270 -19.63 -9.57 -0.08
CA GLY A 270 -19.95 -8.29 -0.70
C GLY A 270 -19.18 -8.07 -1.97
N ILE A 271 -17.91 -8.44 -1.98
CA ILE A 271 -17.09 -8.31 -3.17
C ILE A 271 -17.63 -9.21 -4.26
N ARG A 272 -17.90 -10.46 -3.91
CA ARG A 272 -18.37 -11.44 -4.88
C ARG A 272 -19.73 -11.06 -5.40
N ASP A 273 -20.49 -10.38 -4.54
CA ASP A 273 -21.79 -9.91 -4.92
C ASP A 273 -21.69 -8.76 -5.92
N SER A 274 -20.68 -7.90 -5.82
CA SER A 274 -20.48 -6.86 -6.84
C SER A 274 -20.05 -7.47 -8.16
N ILE A 275 -19.27 -8.54 -8.11
CA ILE A 275 -18.93 -9.26 -9.35
C ILE A 275 -20.22 -9.78 -9.99
N LYS A 276 -21.10 -10.36 -9.18
CA LYS A 276 -22.33 -10.94 -9.72
C LYS A 276 -23.28 -9.87 -10.26
N ASP A 277 -23.33 -8.72 -9.61
CA ASP A 277 -24.29 -7.69 -10.00
C ASP A 277 -23.76 -6.90 -11.20
N ILE A 278 -22.52 -6.49 -11.14
CA ILE A 278 -21.95 -5.67 -12.19
C ILE A 278 -21.76 -6.52 -13.45
N LEU A 279 -21.04 -7.63 -13.32
CA LEU A 279 -20.66 -8.44 -14.49
C LEU A 279 -21.49 -9.73 -14.67
N GLY A 280 -22.11 -10.21 -13.60
CA GLY A 280 -22.89 -11.45 -13.67
C GLY A 280 -22.12 -12.75 -13.61
N TYR A 281 -20.83 -12.69 -13.25
CA TYR A 281 -20.02 -13.89 -13.10
C TYR A 281 -20.14 -14.52 -11.69
N THR A 282 -20.38 -15.83 -11.66
CA THR A 282 -20.41 -16.55 -10.40
C THR A 282 -18.97 -16.88 -9.98
N THR A 283 -18.76 -17.01 -8.69
CA THR A 283 -17.45 -17.30 -8.14
C THR A 283 -17.54 -18.34 -7.02
N SER A 284 -16.49 -19.11 -6.83
CA SER A 284 -16.33 -19.90 -5.64
C SER A 284 -15.17 -19.27 -4.89
N CYS A 285 -15.16 -19.43 -3.56
CA CYS A 285 -14.27 -18.67 -2.69
C CYS A 285 -13.76 -19.50 -1.51
N GLY A 286 -12.51 -19.31 -1.14
CA GLY A 286 -11.93 -19.92 0.04
C GLY A 286 -11.33 -18.94 1.01
N LEU A 287 -11.66 -19.04 2.29
CA LEU A 287 -11.11 -18.15 3.29
C LEU A 287 -10.32 -18.91 4.34
N SER A 288 -9.10 -18.46 4.58
CA SER A 288 -8.18 -19.08 5.52
C SER A 288 -7.04 -18.15 5.85
N SER A 289 -6.19 -18.54 6.77
CA SER A 289 -4.99 -17.76 7.09
C SER A 289 -3.86 -17.85 6.04
N THR A 290 -3.97 -18.72 5.03
CA THR A 290 -2.91 -18.86 4.01
C THR A 290 -3.39 -19.10 2.58
N LYS A 291 -2.57 -18.65 1.64
CA LYS A 291 -2.85 -18.76 0.22
C LYS A 291 -3.17 -20.18 -0.21
N ASN A 292 -2.38 -21.14 0.27
CA ASN A 292 -2.50 -22.52 -0.18
C ASN A 292 -3.84 -23.12 0.24
N VAL A 293 -4.23 -22.90 1.49
CA VAL A 293 -5.48 -23.45 1.98
C VAL A 293 -6.65 -22.79 1.29
N CYS A 294 -6.58 -21.48 1.18
CA CYS A 294 -7.57 -20.71 0.42
C CYS A 294 -7.89 -21.30 -0.93
N LYS A 295 -6.86 -21.68 -1.67
CA LYS A 295 -7.09 -22.25 -2.99
C LYS A 295 -7.72 -23.65 -2.95
N LEU A 296 -7.36 -24.48 -1.97
CA LEU A 296 -8.07 -25.78 -1.83
C LEU A 296 -9.56 -25.56 -1.47
N ALA A 297 -9.81 -24.58 -0.61
CA ALA A 297 -11.14 -24.23 -0.12
C ALA A 297 -12.08 -23.69 -1.22
N SER A 298 -11.52 -22.95 -2.17
CA SER A 298 -12.31 -22.41 -3.29
C SER A 298 -12.72 -23.54 -4.25
N ASN A 299 -11.87 -24.56 -4.36
CA ASN A 299 -12.20 -25.70 -5.19
C ASN A 299 -13.11 -26.72 -4.51
N TYR A 300 -13.19 -26.66 -3.19
CA TYR A 300 -13.89 -27.69 -2.43
C TYR A 300 -15.38 -27.76 -2.75
N LYS A 301 -16.02 -26.62 -2.93
CA LYS A 301 -17.43 -26.61 -3.27
C LYS A 301 -17.68 -25.59 -4.35
N LYS A 302 -18.16 -26.07 -5.51
CA LYS A 302 -18.41 -25.24 -6.67
C LYS A 302 -19.75 -25.56 -7.28
N PRO A 303 -20.37 -24.59 -7.98
CA PRO A 303 -19.94 -23.19 -8.13
C PRO A 303 -20.62 -22.29 -7.10
N ASP A 304 -20.56 -20.98 -7.31
CA ASP A 304 -21.30 -20.01 -6.49
C ASP A 304 -21.33 -20.45 -5.04
N ALA A 305 -20.15 -20.63 -4.46
CA ALA A 305 -20.06 -21.13 -3.10
C ALA A 305 -18.84 -20.55 -2.38
N GLN A 306 -18.87 -20.58 -1.06
CA GLN A 306 -17.85 -19.97 -0.23
C GLN A 306 -17.56 -20.86 0.98
N THR A 307 -16.30 -21.29 1.09
CA THR A 307 -15.87 -22.21 2.13
C THR A 307 -14.81 -21.56 2.99
N ILE A 308 -15.06 -21.62 4.29
CA ILE A 308 -14.20 -21.05 5.31
C ILE A 308 -13.51 -22.19 6.09
N VAL A 309 -12.19 -22.07 6.27
CA VAL A 309 -11.39 -23.06 7.02
C VAL A 309 -10.72 -22.37 8.20
N LYS A 310 -11.20 -22.63 9.41
CA LYS A 310 -10.62 -22.06 10.63
C LYS A 310 -9.28 -22.67 10.93
N ASN A 311 -8.38 -21.91 11.51
CA ASN A 311 -7.12 -22.51 11.98
C ASN A 311 -7.29 -23.83 12.76
N ASP A 312 -8.27 -23.92 13.64
CA ASP A 312 -8.45 -25.16 14.40
C ASP A 312 -8.94 -26.31 13.55
N CYS A 313 -9.43 -25.99 12.35
CA CYS A 313 -9.95 -27.00 11.43
C CYS A 313 -9.03 -27.33 10.24
N LEU A 314 -7.82 -26.79 10.24
CA LEU A 314 -6.86 -27.03 9.16
C LEU A 314 -6.57 -28.50 8.89
N LEU A 315 -6.26 -29.24 9.95
CA LEU A 315 -5.92 -30.65 9.86
C LEU A 315 -7.13 -31.52 9.47
N ASP A 316 -8.28 -31.21 10.07
CA ASP A 316 -9.56 -31.78 9.64
C ASP A 316 -9.77 -31.65 8.11
N PHE A 317 -9.64 -30.43 7.62
CA PHE A 317 -9.78 -30.08 6.21
C PHE A 317 -8.75 -30.71 5.29
N LEU A 318 -7.50 -30.68 5.69
CA LEU A 318 -6.42 -31.23 4.91
C LEU A 318 -6.59 -32.72 4.75
N ASP A 319 -7.06 -33.36 5.80
CA ASP A 319 -7.24 -34.79 5.81
C ASP A 319 -8.64 -35.28 5.48
N CYS A 320 -9.53 -34.39 5.07
CA CYS A 320 -10.95 -34.75 4.84
C CYS A 320 -11.16 -35.83 3.80
N GLY A 321 -10.15 -36.08 2.97
CA GLY A 321 -10.18 -37.18 2.00
C GLY A 321 -9.98 -36.76 0.57
N LYS A 322 -10.22 -35.48 0.29
CA LYS A 322 -10.21 -34.98 -1.09
C LYS A 322 -8.85 -34.45 -1.52
N PHE A 323 -7.91 -34.30 -0.59
CA PHE A 323 -6.65 -33.65 -0.91
C PHE A 323 -5.47 -34.58 -0.79
N GLU A 324 -4.51 -34.38 -1.69
CA GLU A 324 -3.20 -34.99 -1.57
C GLU A 324 -2.20 -33.87 -1.60
N ILE A 325 -0.94 -34.19 -1.33
CA ILE A 325 0.17 -33.23 -1.43
C ILE A 325 0.19 -32.49 -2.76
N THR A 326 -0.25 -33.18 -3.81
CA THR A 326 -0.23 -32.67 -5.16
C THR A 326 -1.42 -31.74 -5.46
N SER A 327 -2.38 -31.73 -4.55
CA SER A 327 -3.52 -30.84 -4.62
C SER A 327 -3.07 -29.42 -4.38
N PHE A 328 -1.91 -29.28 -3.76
CA PHE A 328 -1.34 -28.01 -3.43
C PHE A 328 -0.88 -27.22 -4.63
N TRP A 329 -0.82 -25.91 -4.43
CA TRP A 329 -0.33 -24.97 -5.42
C TRP A 329 1.17 -25.10 -5.57
N THR A 330 1.62 -25.32 -6.80
CA THR A 330 3.03 -25.49 -7.16
C THR A 330 3.53 -26.92 -7.04
N LEU A 331 2.70 -27.81 -6.52
CA LEU A 331 3.07 -29.20 -6.35
C LEU A 331 2.17 -30.09 -7.18
N GLY A 332 1.25 -29.46 -7.90
CA GLY A 332 0.29 -30.14 -8.74
C GLY A 332 0.79 -30.92 -9.93
N GLY A 333 1.81 -30.40 -10.59
CA GLY A 333 2.34 -31.00 -11.78
C GLY A 333 3.46 -31.98 -11.57
N VAL A 334 4.56 -31.75 -12.29
CA VAL A 334 5.70 -32.64 -12.31
C VAL A 334 6.42 -32.76 -10.97
N LEU A 335 6.60 -31.66 -10.25
CA LEU A 335 7.30 -31.69 -8.99
C LEU A 335 6.55 -32.58 -8.00
N GLY A 336 5.22 -32.48 -8.00
CA GLY A 336 4.39 -33.26 -7.10
C GLY A 336 4.43 -34.74 -7.41
N LYS A 337 4.35 -35.08 -8.69
CA LYS A 337 4.38 -36.48 -9.11
C LYS A 337 5.74 -37.14 -8.80
N GLU A 338 6.82 -36.36 -8.77
CA GLU A 338 8.15 -36.84 -8.39
C GLU A 338 8.28 -36.95 -6.87
N LEU A 339 7.73 -35.98 -6.14
CA LEU A 339 7.79 -35.99 -4.68
C LEU A 339 7.17 -37.29 -4.12
N ILE A 340 5.95 -37.58 -4.55
CA ILE A 340 5.32 -38.86 -4.27
C ILE A 340 6.39 -39.95 -4.27
N ASP A 341 7.03 -40.12 -5.43
CA ASP A 341 7.99 -41.22 -5.62
C ASP A 341 9.26 -41.08 -4.79
N VAL A 342 9.84 -39.89 -4.75
CA VAL A 342 11.11 -39.69 -4.03
C VAL A 342 10.93 -39.86 -2.52
N LEU A 343 9.86 -39.27 -1.99
CA LEU A 343 9.52 -39.39 -0.56
C LEU A 343 8.62 -40.61 -0.20
N ASP A 344 8.50 -41.55 -1.12
CA ASP A 344 7.79 -42.80 -0.86
C ASP A 344 6.46 -42.55 -0.17
N LEU A 345 5.68 -41.64 -0.72
CA LEU A 345 4.42 -41.24 -0.12
C LEU A 345 3.35 -42.22 -0.59
N PRO A 346 2.32 -42.39 0.22
CA PRO A 346 1.20 -43.21 -0.14
C PRO A 346 0.34 -42.51 -1.16
N HIS A 347 -0.45 -43.25 -1.90
CA HIS A 347 -1.31 -42.66 -2.92
C HIS A 347 -2.59 -42.08 -2.33
N GLU A 348 -2.78 -42.30 -1.04
CA GLU A 348 -3.89 -41.77 -0.30
C GLU A 348 -3.35 -41.22 1.00
N ASN A 349 -3.90 -40.12 1.48
CA ASN A 349 -3.43 -39.48 2.72
C ASN A 349 -1.91 -39.25 2.76
N SER A 350 -1.37 -38.79 1.65
CA SER A 350 0.04 -38.50 1.54
C SER A 350 0.40 -37.43 2.52
N ILE A 351 -0.48 -36.46 2.62
CA ILE A 351 -0.30 -35.31 3.46
C ILE A 351 -0.28 -35.57 4.97
N LYS A 352 -1.14 -36.46 5.43
CA LYS A 352 -1.14 -36.86 6.83
C LYS A 352 0.14 -37.59 7.12
N HIS A 353 0.55 -38.39 6.16
CA HIS A 353 1.80 -39.12 6.18
C HIS A 353 3.07 -38.25 6.37
N ILE A 354 3.14 -37.08 5.74
CA ILE A 354 4.30 -36.19 5.91
C ILE A 354 4.30 -35.59 7.32
N ARG A 355 3.11 -35.29 7.81
CA ARG A 355 2.96 -34.63 9.10
C ARG A 355 3.51 -35.55 10.17
N GLU A 356 3.22 -36.84 10.02
CA GLU A 356 3.51 -37.83 11.05
C GLU A 356 4.86 -38.52 10.88
N THR A 357 5.27 -38.75 9.64
CA THR A 357 6.54 -39.39 9.38
C THR A 357 7.71 -38.56 9.87
N TRP A 358 7.59 -37.24 9.76
CA TRP A 358 8.62 -36.34 10.26
C TRP A 358 7.96 -35.33 11.19
N PRO A 359 7.46 -35.81 12.32
CA PRO A 359 6.61 -35.04 13.23
C PRO A 359 7.18 -33.84 13.98
N ASP A 360 8.42 -33.94 14.43
CA ASP A 360 9.00 -32.91 15.27
C ASP A 360 9.47 -31.58 14.63
N ASN A 361 10.18 -31.63 13.52
CA ASN A 361 10.69 -30.40 12.90
C ASN A 361 11.07 -30.57 11.44
N ALA A 362 11.18 -29.46 10.71
CA ALA A 362 11.51 -29.51 9.30
C ALA A 362 12.81 -30.28 9.06
N GLY A 363 13.83 -29.97 9.86
CA GLY A 363 15.13 -30.63 9.78
C GLY A 363 15.10 -32.12 9.52
N GLN A 364 14.16 -32.82 10.15
CA GLN A 364 14.01 -34.28 9.98
C GLN A 364 13.65 -34.68 8.56
N LEU A 365 12.84 -33.85 7.92
CA LEU A 365 12.47 -34.05 6.53
C LEU A 365 13.65 -33.80 5.61
N LYS A 366 14.43 -32.78 5.94
CA LYS A 366 15.54 -32.38 5.10
C LYS A 366 16.59 -33.48 4.98
N GLU A 367 16.93 -34.11 6.09
CA GLU A 367 17.92 -35.16 6.04
C GLU A 367 17.43 -36.30 5.17
N PHE A 368 16.14 -36.58 5.23
CA PHE A 368 15.60 -37.66 4.43
C PHE A 368 15.78 -37.37 2.95
N LEU A 369 15.62 -36.10 2.58
CA LEU A 369 15.80 -35.67 1.18
C LEU A 369 17.27 -35.72 0.74
N ASP A 370 18.14 -35.17 1.57
CA ASP A 370 19.59 -35.21 1.33
C ASP A 370 20.05 -36.66 1.13
N ALA A 371 19.56 -37.55 1.99
CA ALA A 371 19.84 -38.97 1.83
C ALA A 371 19.36 -39.48 0.46
N LYS A 372 18.14 -39.12 0.08
CA LYS A 372 17.51 -39.67 -1.13
C LYS A 372 18.05 -39.06 -2.44
N VAL A 373 18.52 -37.83 -2.34
CA VAL A 373 19.07 -37.10 -3.47
C VAL A 373 20.42 -37.72 -3.91
N LYS A 374 21.05 -38.45 -3.01
CA LYS A 374 22.29 -39.14 -3.29
C LYS A 374 22.09 -40.56 -3.80
N GLN A 375 20.85 -41.01 -3.85
CA GLN A 375 20.56 -42.35 -4.33
C GLN A 375 20.66 -42.53 -5.84
N SER A 376 20.83 -43.78 -6.24
CA SER A 376 21.00 -44.20 -7.62
C SER A 376 19.83 -43.96 -8.57
N ASP A 377 18.61 -44.11 -8.07
CA ASP A 377 17.42 -43.94 -8.93
C ASP A 377 17.06 -42.45 -9.06
N TYR A 378 18.04 -41.59 -8.82
CA TYR A 378 17.90 -40.15 -8.97
C TYR A 378 18.72 -39.67 -10.15
N ASP A 379 18.23 -38.62 -10.80
CA ASP A 379 18.87 -38.06 -11.98
C ASP A 379 18.62 -36.55 -12.02
N ARG A 380 19.68 -35.77 -11.88
CA ARG A 380 19.60 -34.33 -11.86
C ARG A 380 19.10 -33.78 -13.18
N SER A 381 19.42 -34.46 -14.25
CA SER A 381 19.02 -34.00 -15.54
C SER A 381 17.51 -33.92 -15.66
N THR A 382 16.82 -34.88 -15.09
CA THR A 382 15.37 -34.93 -15.16
C THR A 382 14.59 -34.33 -13.99
N SER A 383 15.19 -34.29 -12.82
CA SER A 383 14.52 -33.84 -11.59
C SER A 383 14.20 -32.34 -11.56
N ASN A 384 13.14 -32.00 -10.83
CA ASN A 384 12.76 -30.61 -10.58
C ASN A 384 13.10 -30.20 -9.14
N ILE A 385 13.80 -31.07 -8.42
CA ILE A 385 14.17 -30.84 -7.01
C ILE A 385 15.61 -30.36 -6.96
N ASP A 386 15.84 -29.20 -6.35
CA ASP A 386 17.18 -28.64 -6.25
C ASP A 386 17.85 -29.16 -4.97
N PRO A 387 18.94 -29.94 -5.08
CA PRO A 387 19.58 -30.50 -3.88
C PRO A 387 20.39 -29.48 -3.08
N LEU A 388 20.75 -28.38 -3.71
CA LEU A 388 21.43 -27.29 -3.01
C LEU A 388 20.44 -26.54 -2.10
N LYS A 389 19.15 -26.68 -2.38
CA LYS A 389 18.10 -26.00 -1.61
C LYS A 389 17.05 -26.97 -1.03
N THR A 390 17.52 -27.91 -0.19
CA THR A 390 16.61 -28.82 0.52
C THR A 390 16.19 -28.25 1.87
N ALA A 391 16.80 -27.14 2.28
CA ALA A 391 16.41 -26.47 3.52
C ALA A 391 15.02 -25.88 3.33
N ASP A 392 14.86 -25.12 2.25
CA ASP A 392 13.59 -24.47 1.94
C ASP A 392 12.51 -25.47 1.59
N LEU A 393 12.84 -26.52 0.84
CA LEU A 393 11.84 -27.50 0.44
C LEU A 393 11.29 -28.23 1.65
N ALA A 394 12.11 -28.43 2.68
CA ALA A 394 11.67 -29.08 3.92
C ALA A 394 10.66 -28.20 4.64
N GLU A 395 11.03 -26.96 4.90
CA GLU A 395 10.17 -25.96 5.56
C GLU A 395 8.81 -25.86 4.80
N LYS A 396 8.89 -25.80 3.48
CA LYS A 396 7.68 -25.67 2.66
C LYS A 396 6.74 -26.85 2.79
N LEU A 397 7.29 -28.05 2.81
CA LEU A 397 6.51 -29.26 2.97
C LEU A 397 5.96 -29.47 4.36
N PHE A 398 6.80 -29.16 5.33
CA PHE A 398 6.47 -29.33 6.73
C PHE A 398 5.31 -28.44 7.10
N LYS A 399 5.34 -27.23 6.57
CA LYS A 399 4.32 -26.23 6.89
C LYS A 399 3.04 -26.44 6.08
N LEU A 400 3.19 -26.76 4.80
CA LEU A 400 2.01 -27.04 3.98
C LEU A 400 1.18 -28.11 4.62
N SER A 401 1.83 -29.17 5.07
CA SER A 401 1.14 -30.31 5.65
C SER A 401 0.36 -29.95 6.89
N ARG A 402 0.81 -28.93 7.59
CA ARG A 402 0.12 -28.40 8.77
C ARG A 402 -0.81 -27.21 8.49
N GLY A 403 -0.92 -26.80 7.24
CA GLY A 403 -1.75 -25.67 6.86
C GLY A 403 -1.22 -24.32 7.28
N ARG A 404 0.08 -24.21 7.44
CA ARG A 404 0.70 -22.96 7.95
C ARG A 404 1.87 -22.44 7.11
N TYR A 405 1.85 -22.69 5.80
CA TYR A 405 2.85 -22.12 4.90
C TYR A 405 2.30 -20.85 4.26
N GLY A 406 2.72 -19.72 4.80
CA GLY A 406 2.23 -18.42 4.35
C GLY A 406 3.15 -17.78 3.34
N LEU A 407 2.66 -17.61 2.11
CA LEU A 407 3.33 -16.85 1.08
C LEU A 407 2.72 -15.47 0.95
N PRO A 408 3.56 -14.45 0.69
CA PRO A 408 3.04 -13.12 0.44
C PRO A 408 2.24 -13.05 -0.85
N LEU A 409 1.28 -12.14 -0.92
CA LEU A 409 0.64 -11.83 -2.19
C LEU A 409 1.69 -11.12 -3.01
N SER A 410 1.94 -11.58 -4.22
CA SER A 410 2.89 -10.89 -5.08
C SER A 410 2.33 -10.67 -6.47
N SER A 411 2.91 -9.68 -7.15
CA SER A 411 2.45 -9.30 -8.47
C SER A 411 3.34 -9.95 -9.50
N ARG A 412 2.69 -10.41 -10.57
CA ARG A 412 3.33 -10.98 -11.75
C ARG A 412 4.41 -10.03 -12.30
N PRO A 413 5.61 -10.57 -12.57
CA PRO A 413 6.66 -9.68 -13.06
C PRO A 413 6.48 -9.35 -14.53
N VAL A 414 7.24 -8.36 -14.99
CA VAL A 414 6.99 -7.80 -16.29
C VAL A 414 7.30 -8.80 -17.41
N VAL A 415 6.40 -8.86 -18.38
CA VAL A 415 6.55 -9.70 -19.54
C VAL A 415 7.89 -9.49 -20.29
N LYS A 416 8.53 -10.60 -20.64
CA LYS A 416 9.80 -10.60 -21.33
C LYS A 416 9.67 -10.92 -22.81
N SER A 417 8.60 -11.60 -23.19
CA SER A 417 8.41 -11.99 -24.60
C SER A 417 6.95 -12.25 -24.98
N MET A 418 6.64 -12.01 -26.25
CA MET A 418 5.29 -12.16 -26.81
C MET A 418 5.40 -12.66 -28.23
N MET A 419 4.91 -13.87 -28.46
CA MET A 419 5.02 -14.56 -29.74
C MET A 419 3.62 -14.80 -30.31
N SER A 420 3.50 -14.77 -31.63
CA SER A 420 2.27 -15.20 -32.30
C SER A 420 2.63 -16.05 -33.54
N ASN A 421 2.30 -17.34 -33.50
CA ASN A 421 2.72 -18.31 -34.54
C ASN A 421 1.53 -19.00 -35.22
N LYS A 422 1.75 -19.47 -36.44
CA LYS A 422 0.79 -20.33 -37.08
C LYS A 422 1.47 -21.55 -37.68
N ASN A 423 0.99 -22.73 -37.29
CA ASN A 423 1.35 -23.96 -37.97
C ASN A 423 0.53 -24.07 -39.26
N LEU A 424 1.22 -24.02 -40.37
CA LEU A 424 0.59 -23.95 -41.67
C LEU A 424 0.44 -25.30 -42.34
N ARG A 425 -0.74 -25.54 -42.87
CA ARG A 425 -1.02 -26.78 -43.56
C ARG A 425 -1.31 -26.47 -45.00
N GLY A 426 -0.64 -27.18 -45.90
CA GLY A 426 -0.82 -27.01 -47.32
C GLY A 426 -0.44 -25.68 -47.94
N LYS A 427 -1.38 -25.12 -48.67
CA LYS A 427 -1.14 -23.92 -49.46
C LYS A 427 -1.49 -22.60 -48.72
N SER A 428 -1.62 -22.66 -47.39
CA SER A 428 -2.06 -21.48 -46.63
C SER A 428 -1.17 -20.27 -46.80
N CYS A 429 0.14 -20.43 -46.77
CA CYS A 429 1.04 -19.31 -46.94
C CYS A 429 2.01 -19.61 -48.06
N ASN A 430 1.51 -19.54 -49.28
CA ASN A 430 2.23 -19.91 -50.48
C ASN A 430 3.10 -18.85 -51.14
N SER A 431 3.09 -17.64 -50.63
CA SER A 431 3.81 -16.56 -51.26
C SER A 431 4.12 -15.52 -50.24
N ILE A 432 4.97 -14.59 -50.61
CA ILE A 432 5.33 -13.49 -49.75
C ILE A 432 4.11 -12.64 -49.45
N VAL A 433 3.21 -12.53 -50.40
CA VAL A 433 1.97 -11.82 -50.15
C VAL A 433 1.19 -12.52 -49.06
N ASP A 434 1.17 -13.84 -49.09
CA ASP A 434 0.47 -14.65 -48.09
C ASP A 434 1.12 -14.45 -46.70
N CYS A 435 2.44 -14.39 -46.66
CA CYS A 435 3.17 -14.12 -45.43
C CYS A 435 2.68 -12.84 -44.77
N ILE A 436 2.71 -11.76 -45.54
CA ILE A 436 2.31 -10.46 -45.05
C ILE A 436 0.93 -10.56 -44.43
N SER A 437 0.02 -11.29 -45.06
CA SER A 437 -1.36 -11.45 -44.54
C SER A 437 -1.43 -12.06 -43.15
N TRP A 438 -0.48 -12.94 -42.82
CA TRP A 438 -0.45 -13.57 -41.52
C TRP A 438 0.22 -12.67 -40.49
N LEU A 439 1.21 -11.90 -40.93
CA LEU A 439 1.80 -10.89 -40.07
C LEU A 439 0.76 -9.85 -39.73
N GLU A 440 -0.18 -9.62 -40.64
CA GLU A 440 -1.31 -8.74 -40.35
C GLU A 440 -2.01 -9.25 -39.11
N VAL A 441 -2.37 -10.52 -39.13
CA VAL A 441 -2.99 -11.16 -37.97
C VAL A 441 -2.08 -11.18 -36.73
N PHE A 442 -0.79 -11.50 -36.89
CA PHE A 442 0.15 -11.51 -35.74
C PHE A 442 0.34 -10.15 -35.07
N CYS A 443 0.29 -9.04 -35.82
CA CYS A 443 0.38 -7.70 -35.23
C CYS A 443 -0.87 -7.26 -34.51
N ALA A 444 -2.02 -7.59 -35.07
CA ALA A 444 -3.28 -7.34 -34.40
C ALA A 444 -3.23 -7.92 -33.00
N GLU A 445 -2.95 -9.21 -32.96
CA GLU A 445 -2.99 -9.98 -31.73
C GLU A 445 -1.98 -9.47 -30.74
N LEU A 446 -0.79 -9.20 -31.23
CA LEU A 446 0.26 -8.65 -30.39
C LEU A 446 -0.08 -7.27 -29.85
N THR A 447 -0.66 -6.43 -30.69
CA THR A 447 -1.01 -5.08 -30.31
C THR A 447 -2.03 -5.09 -29.18
N SER A 448 -2.99 -5.98 -29.29
CA SER A 448 -3.96 -6.29 -28.24
C SER A 448 -3.34 -6.70 -26.92
N ARG A 449 -2.34 -7.60 -27.00
CA ARG A 449 -1.74 -8.18 -25.83
C ARG A 449 -0.98 -7.11 -25.11
N ILE A 450 -0.39 -6.21 -25.85
CA ILE A 450 0.27 -5.05 -25.27
C ILE A 450 -0.67 -4.10 -24.56
N GLN A 451 -1.83 -3.84 -25.14
CA GLN A 451 -2.80 -2.95 -24.53
C GLN A 451 -3.29 -3.49 -23.21
N ASP A 452 -3.47 -4.80 -23.12
CA ASP A 452 -3.88 -5.41 -21.86
C ASP A 452 -2.82 -5.21 -20.80
N LEU A 453 -1.57 -5.39 -21.17
CA LEU A 453 -0.47 -5.12 -20.24
C LEU A 453 -0.39 -3.64 -19.84
N GLU A 454 -0.59 -2.75 -20.82
CA GLU A 454 -0.62 -1.33 -20.52
C GLU A 454 -1.63 -1.00 -19.42
N GLN A 455 -2.79 -1.65 -19.44
CA GLN A 455 -3.76 -1.44 -18.38
C GLN A 455 -3.31 -2.14 -17.07
N GLU A 456 -2.66 -3.30 -17.16
CA GLU A 456 -2.12 -3.94 -15.96
C GLU A 456 -1.08 -3.08 -15.26
N TYR A 457 -0.21 -2.44 -16.04
CA TYR A 457 0.95 -1.73 -15.48
C TYR A 457 0.67 -0.26 -15.23
N ASN A 458 -0.34 0.27 -15.91
CA ASN A 458 -0.59 1.70 -16.00
C ASN A 458 0.63 2.43 -16.56
N LYS A 459 1.43 1.71 -17.33
CA LYS A 459 2.62 2.30 -17.95
C LYS A 459 2.65 1.88 -19.41
N ILE A 460 3.27 2.72 -20.24
CA ILE A 460 3.36 2.47 -21.67
C ILE A 460 4.32 1.31 -21.88
N VAL A 461 4.02 0.45 -22.86
CA VAL A 461 4.84 -0.71 -23.13
C VAL A 461 5.35 -0.70 -24.57
N ILE A 462 6.67 -0.70 -24.74
CA ILE A 462 7.26 -0.67 -26.07
C ILE A 462 8.27 -1.79 -26.31
N PRO A 463 8.12 -2.48 -27.43
CA PRO A 463 9.05 -3.56 -27.76
C PRO A 463 10.13 -3.08 -28.72
N ARG A 464 11.36 -3.05 -28.24
CA ARG A 464 12.52 -2.65 -29.03
C ARG A 464 12.92 -3.63 -30.15
N THR A 465 12.84 -4.91 -29.85
CA THR A 465 13.26 -5.95 -30.78
C THR A 465 12.15 -6.87 -31.24
N VAL A 466 12.16 -7.19 -32.52
CA VAL A 466 11.19 -8.11 -33.09
C VAL A 466 11.91 -9.21 -33.85
N SER A 467 11.41 -10.44 -33.73
CA SER A 467 12.01 -11.55 -34.44
C SER A 467 10.99 -12.27 -35.32
N ILE A 468 11.34 -12.50 -36.58
CA ILE A 468 10.47 -13.22 -37.46
C ILE A 468 11.10 -14.56 -37.69
N SER A 469 10.32 -15.62 -37.55
CA SER A 469 10.83 -16.98 -37.75
C SER A 469 9.84 -17.83 -38.55
N LEU A 470 10.38 -18.62 -39.48
CA LEU A 470 9.58 -19.47 -40.35
C LEU A 470 10.21 -20.84 -40.64
N LYS A 471 9.38 -21.77 -41.10
CA LYS A 471 9.85 -23.09 -41.53
C LYS A 471 9.31 -23.39 -42.94
N THR A 472 10.21 -23.78 -43.83
CA THR A 472 9.91 -23.90 -45.25
C THR A 472 9.23 -25.22 -45.60
N LYS A 473 8.88 -25.33 -46.89
CA LYS A 473 8.43 -26.59 -47.50
C LYS A 473 9.32 -27.78 -47.12
N SER A 474 10.63 -27.53 -47.13
CA SER A 474 11.63 -28.54 -46.78
C SER A 474 12.03 -28.56 -45.29
N TYR A 475 11.22 -27.95 -44.45
CA TYR A 475 11.47 -27.91 -43.03
C TYR A 475 12.80 -27.27 -42.69
N GLU A 476 13.19 -26.27 -43.45
CA GLU A 476 14.44 -25.61 -43.16
C GLU A 476 14.15 -24.33 -42.44
N VAL A 477 14.74 -24.17 -41.28
CA VAL A 477 14.47 -23.02 -40.46
C VAL A 477 15.20 -21.78 -40.90
N TYR A 478 14.47 -20.69 -41.03
CA TYR A 478 15.05 -19.36 -41.26
C TYR A 478 14.49 -18.39 -40.22
N ARG A 479 15.31 -17.47 -39.75
CA ARG A 479 14.90 -16.56 -38.70
C ARG A 479 15.72 -15.28 -38.67
N LYS A 480 15.05 -14.13 -38.60
CA LYS A 480 15.76 -12.86 -38.47
C LYS A 480 15.30 -12.06 -37.25
N SER A 481 16.27 -11.57 -36.49
CA SER A 481 16.03 -10.71 -35.34
C SER A 481 16.57 -9.32 -35.67
N GLY A 482 16.08 -8.30 -34.98
CA GLY A 482 16.57 -6.94 -35.14
C GLY A 482 15.68 -5.89 -34.50
N PRO A 483 16.17 -4.63 -34.42
CA PRO A 483 15.48 -3.60 -33.66
C PRO A 483 14.29 -2.98 -34.39
N VAL A 484 13.34 -2.47 -33.61
CA VAL A 484 12.20 -1.71 -34.14
C VAL A 484 12.36 -0.23 -33.83
N ALA A 485 12.08 0.60 -34.84
CA ALA A 485 12.18 2.06 -34.72
C ALA A 485 10.80 2.69 -34.90
N TYR A 486 10.55 3.77 -34.18
CA TYR A 486 9.26 4.47 -34.23
C TYR A 486 9.45 5.99 -34.42
N LYS A 487 8.59 6.60 -35.22
CA LYS A 487 8.66 8.03 -35.46
C LYS A 487 8.44 8.81 -34.16
N GLY A 488 7.52 8.32 -33.34
CA GLY A 488 7.17 8.96 -32.09
C GLY A 488 7.20 8.01 -30.90
N ILE A 489 7.25 8.57 -29.70
CA ILE A 489 7.27 7.78 -28.49
C ILE A 489 5.98 6.96 -28.34
N ASN A 490 4.85 7.57 -28.68
CA ASN A 490 3.58 6.86 -28.61
C ASN A 490 3.53 5.71 -29.61
N PHE A 491 2.97 4.60 -29.18
CA PHE A 491 2.90 3.39 -30.00
C PHE A 491 1.88 3.39 -31.14
N GLN A 492 2.30 2.80 -32.25
CA GLN A 492 1.55 2.51 -33.45
C GLN A 492 1.85 1.05 -33.81
N SER A 493 0.80 0.30 -34.12
CA SER A 493 0.87 -1.11 -34.49
C SER A 493 1.52 -1.28 -35.85
N HIS A 494 1.23 -0.30 -36.71
CA HIS A 494 1.60 -0.29 -38.10
C HIS A 494 3.10 -0.39 -38.32
N GLU A 495 3.89 0.23 -37.46
CA GLU A 495 5.35 0.22 -37.70
C GLU A 495 6.05 -1.02 -37.11
N LEU A 496 5.29 -1.88 -36.43
CA LEU A 496 5.80 -3.20 -36.05
C LEU A 496 5.66 -4.11 -37.25
N LEU A 497 4.45 -4.13 -37.82
CA LEU A 497 4.19 -4.86 -39.06
C LEU A 497 5.30 -4.62 -40.09
N LYS A 498 5.57 -3.35 -40.39
CA LYS A 498 6.47 -2.98 -41.50
C LYS A 498 7.89 -3.53 -41.35
N VAL A 499 8.40 -3.69 -40.13
CA VAL A 499 9.68 -4.38 -39.93
C VAL A 499 9.54 -5.90 -40.10
N GLY A 500 8.41 -6.43 -39.67
CA GLY A 500 8.09 -7.81 -39.93
C GLY A 500 8.08 -8.09 -41.43
N ILE A 501 7.52 -7.16 -42.19
CA ILE A 501 7.54 -7.25 -43.65
C ILE A 501 8.94 -7.13 -44.25
N LYS A 502 9.78 -6.29 -43.66
CA LYS A 502 11.17 -6.17 -44.11
C LYS A 502 11.87 -7.53 -43.95
N PHE A 503 11.80 -8.08 -42.74
CA PHE A 503 12.42 -9.34 -42.39
C PHE A 503 11.89 -10.50 -43.20
N VAL A 504 10.59 -10.54 -43.39
CA VAL A 504 10.02 -11.63 -44.13
C VAL A 504 10.58 -11.57 -45.54
N THR A 505 10.65 -10.37 -46.10
CA THR A 505 11.23 -10.16 -47.43
C THR A 505 12.73 -10.45 -47.49
N ASP A 506 13.47 -10.00 -46.50
CA ASP A 506 14.89 -10.38 -46.37
C ASP A 506 15.02 -11.89 -46.52
N LEU A 507 14.28 -12.63 -45.70
CA LEU A 507 14.36 -14.09 -45.68
C LEU A 507 13.97 -14.73 -47.03
N ASP A 508 12.90 -14.22 -47.65
CA ASP A 508 12.41 -14.74 -48.96
C ASP A 508 13.50 -14.77 -50.05
N ILE A 509 14.22 -13.68 -50.22
CA ILE A 509 15.27 -13.64 -51.22
C ILE A 509 16.43 -14.57 -50.86
N LYS A 510 16.69 -14.68 -49.57
CA LYS A 510 17.80 -15.48 -49.06
C LYS A 510 17.71 -16.95 -49.41
N GLY A 511 16.50 -17.50 -49.38
CA GLY A 511 16.28 -18.90 -49.70
C GLY A 511 15.48 -19.04 -50.97
N LYS A 512 15.60 -18.08 -51.89
CA LYS A 512 14.80 -18.09 -53.12
C LYS A 512 15.09 -19.35 -53.96
N ASN A 513 16.36 -19.60 -54.23
CA ASN A 513 16.73 -20.74 -55.06
C ASN A 513 16.33 -22.08 -54.45
N LYS A 514 16.51 -22.21 -53.15
CA LYS A 514 16.14 -23.43 -52.44
C LYS A 514 14.62 -23.52 -52.35
N SER A 515 14.11 -24.71 -52.10
CA SER A 515 12.67 -24.86 -51.97
C SER A 515 12.29 -24.03 -50.76
N TYR A 516 11.19 -23.30 -50.87
CA TYR A 516 10.76 -22.38 -49.83
C TYR A 516 9.28 -22.46 -49.46
N TYR A 517 8.40 -22.39 -50.46
CA TYR A 517 6.97 -22.36 -50.23
C TYR A 517 6.33 -23.61 -50.76
N PRO A 518 5.16 -23.97 -50.22
CA PRO A 518 4.50 -23.32 -49.09
C PRO A 518 5.28 -23.47 -47.79
N LEU A 519 5.12 -22.49 -46.90
CA LEU A 519 5.75 -22.54 -45.57
C LEU A 519 4.94 -23.45 -44.66
N THR A 520 5.60 -24.02 -43.65
CA THR A 520 4.88 -24.80 -42.64
C THR A 520 4.82 -24.13 -41.27
N LYS A 521 5.67 -23.13 -41.04
CA LYS A 521 5.55 -22.29 -39.85
C LYS A 521 5.89 -20.85 -40.16
N LEU A 522 5.16 -19.93 -39.54
CA LEU A 522 5.51 -18.52 -39.60
C LEU A 522 5.16 -17.87 -38.27
N SER A 523 6.05 -17.03 -37.76
CA SER A 523 5.86 -16.46 -36.43
C SER A 523 6.47 -15.08 -36.24
N MET A 524 5.86 -14.30 -35.35
CA MET A 524 6.42 -13.02 -34.91
C MET A 524 6.56 -12.99 -33.39
N THR A 525 7.69 -12.49 -32.91
CA THR A 525 8.07 -12.59 -31.51
C THR A 525 8.77 -11.33 -31.08
N ILE A 526 8.13 -10.56 -30.20
CA ILE A 526 8.68 -9.30 -29.75
C ILE A 526 9.29 -9.42 -28.35
N THR A 527 10.46 -8.81 -28.18
CA THR A 527 11.24 -8.88 -26.96
C THR A 527 11.76 -7.50 -26.63
N ASN A 528 12.57 -7.40 -25.59
CA ASN A 528 13.15 -6.13 -25.20
C ASN A 528 12.15 -5.03 -25.00
N PHE A 529 11.20 -5.23 -24.13
CA PHE A 529 10.23 -4.19 -23.85
C PHE A 529 10.80 -3.11 -22.95
N ASP A 530 10.39 -1.88 -23.19
CA ASP A 530 10.75 -0.79 -22.32
C ASP A 530 9.46 -0.40 -21.59
N ILE A 531 9.42 -0.54 -20.28
CA ILE A 531 8.25 -0.10 -19.51
C ILE A 531 8.45 1.34 -19.02
N ILE A 532 7.77 2.31 -19.64
CA ILE A 532 8.05 3.72 -19.34
C ILE A 532 6.88 4.57 -18.77
N ASP A 533 7.13 5.49 -17.99
N GLY B 22 -13.41 22.49 -23.26
CA GLY B 22 -12.53 21.88 -24.24
C GLY B 22 -13.15 20.67 -24.91
N ARG B 23 -12.45 20.11 -25.89
CA ARG B 23 -12.94 18.93 -26.59
C ARG B 23 -13.02 17.78 -25.60
N MET B 24 -11.97 17.64 -24.80
CA MET B 24 -11.89 16.59 -23.81
C MET B 24 -11.33 17.18 -22.53
N SER B 25 -11.00 16.31 -21.59
CA SER B 25 -10.29 16.73 -20.39
C SER B 25 -8.83 17.05 -20.72
N LYS B 26 -8.20 17.78 -19.81
CA LYS B 26 -6.78 18.05 -19.86
C LYS B 26 -5.97 16.81 -19.38
N PHE B 27 -6.63 15.85 -18.77
CA PHE B 27 -5.93 14.74 -18.13
C PHE B 27 -6.11 13.41 -18.84
N THR B 28 -5.13 12.52 -18.70
CA THR B 28 -5.25 11.19 -19.27
C THR B 28 -5.73 10.20 -18.26
N TRP B 29 -6.30 9.11 -18.76
CA TRP B 29 -6.65 7.94 -17.95
C TRP B 29 -5.50 7.45 -17.07
N LYS B 30 -4.31 7.31 -17.66
CA LYS B 30 -3.13 6.91 -16.89
C LYS B 30 -2.99 7.73 -15.61
N GLU B 31 -3.17 9.05 -15.69
CA GLU B 31 -3.01 9.94 -14.50
C GLU B 31 -4.12 9.76 -13.47
N LEU B 32 -5.30 9.34 -13.92
CA LEU B 32 -6.42 9.08 -13.02
C LEU B 32 -6.27 7.72 -12.35
N ILE B 33 -5.95 6.69 -13.16
CA ILE B 33 -5.76 5.34 -12.66
C ILE B 33 -4.61 5.34 -11.67
N GLN B 34 -3.69 6.26 -11.88
CA GLN B 34 -2.46 6.39 -11.10
C GLN B 34 -2.73 6.65 -9.64
N LEU B 35 -3.88 7.21 -9.36
CA LEU B 35 -4.36 7.51 -8.02
C LEU B 35 -4.50 6.27 -7.16
N GLY B 36 -4.90 5.19 -7.78
CA GLY B 36 -5.12 3.91 -7.12
C GLY B 36 -3.88 3.18 -6.67
N SER B 37 -2.71 3.63 -7.09
CA SER B 37 -1.47 2.97 -6.72
C SER B 37 -0.79 3.84 -5.68
N PRO B 38 -0.52 3.29 -4.49
CA PRO B 38 0.01 4.13 -3.40
C PRO B 38 1.48 4.54 -3.59
N SER B 39 2.21 3.88 -4.46
CA SER B 39 3.60 4.23 -4.66
C SER B 39 3.75 5.23 -5.81
N LYS B 40 2.77 5.32 -6.68
CA LYS B 40 2.81 6.35 -7.73
C LYS B 40 1.75 7.48 -7.62
N ALA B 41 0.74 7.36 -6.78
CA ALA B 41 -0.35 8.35 -6.76
C ALA B 41 0.14 9.80 -6.64
N TYR B 42 1.07 10.06 -5.71
CA TYR B 42 1.59 11.41 -5.48
C TYR B 42 2.17 12.10 -6.75
N GLU B 43 2.58 11.31 -7.74
CA GLU B 43 3.18 11.83 -8.97
C GLU B 43 2.16 12.33 -9.98
N SER B 44 0.92 11.84 -9.86
CA SER B 44 -0.18 12.29 -10.73
C SER B 44 -0.47 13.75 -10.50
N SER B 45 -0.71 14.51 -11.56
CA SER B 45 -1.19 15.88 -11.38
C SER B 45 -2.59 15.89 -10.77
N LEU B 46 -3.26 14.74 -10.85
CA LEU B 46 -4.56 14.56 -10.18
C LEU B 46 -4.44 14.18 -8.71
N ALA B 47 -3.22 14.15 -8.17
CA ALA B 47 -3.01 13.80 -6.78
C ALA B 47 -3.83 14.66 -5.82
N CYS B 48 -4.26 14.04 -4.73
CA CYS B 48 -5.03 14.71 -3.71
C CYS B 48 -4.41 14.43 -2.35
N ILE B 49 -3.60 15.37 -1.89
CA ILE B 49 -2.87 15.25 -0.65
C ILE B 49 -3.54 16.13 0.40
N ALA B 50 -3.38 15.75 1.67
CA ALA B 50 -3.84 16.54 2.79
C ALA B 50 -2.70 16.73 3.78
N HIS B 51 -2.60 17.92 4.35
CA HIS B 51 -1.77 18.16 5.53
C HIS B 51 -2.70 18.54 6.66
N ILE B 52 -2.71 17.74 7.72
CA ILE B 52 -3.56 17.95 8.88
C ILE B 52 -2.68 18.28 10.07
N ASP B 53 -2.99 19.41 10.72
CA ASP B 53 -2.24 19.95 11.85
C ASP B 53 -3.13 20.12 13.07
N MET B 54 -2.71 19.58 14.21
CA MET B 54 -3.44 19.78 15.46
C MET B 54 -2.75 20.94 16.14
N ASN B 55 -3.34 22.11 16.07
CA ASN B 55 -2.71 23.35 16.51
C ASN B 55 -2.66 23.52 18.00
N ALA B 56 -1.65 24.22 18.47
CA ALA B 56 -1.50 24.39 19.89
C ALA B 56 -1.66 23.02 20.60
N PHE B 57 -1.07 22.00 20.00
CA PHE B 57 -1.23 20.63 20.46
C PHE B 57 -1.01 20.46 21.94
N PHE B 58 0.10 20.97 22.49
CA PHE B 58 0.37 20.73 23.93
C PHE B 58 -0.73 21.38 24.79
N ALA B 59 -1.14 22.58 24.38
CA ALA B 59 -2.27 23.25 25.00
C ALA B 59 -3.53 22.41 24.92
N GLN B 60 -3.77 21.81 23.76
CA GLN B 60 -4.96 20.96 23.56
C GLN B 60 -4.94 19.73 24.47
N VAL B 61 -3.78 19.11 24.59
CA VAL B 61 -3.67 17.93 25.43
C VAL B 61 -3.99 18.29 26.89
N GLU B 62 -3.45 19.40 27.38
CA GLU B 62 -3.77 19.81 28.76
C GLU B 62 -5.21 20.29 28.87
N GLN B 63 -5.69 20.96 27.85
CA GLN B 63 -7.06 21.41 27.87
C GLN B 63 -7.97 20.22 28.11
N MET B 64 -7.79 19.17 27.31
CA MET B 64 -8.67 18.00 27.35
C MET B 64 -8.51 17.12 28.58
N ARG B 65 -7.30 17.06 29.12
CA ARG B 65 -7.05 16.33 30.36
C ARG B 65 -7.73 16.97 31.57
N CYS B 66 -7.78 18.30 31.63
CA CYS B 66 -8.39 19.00 32.77
C CYS B 66 -9.86 19.39 32.55
N GLY B 67 -10.55 18.67 31.69
CA GLY B 67 -11.96 18.92 31.41
C GLY B 67 -12.32 20.31 30.90
N LEU B 68 -11.40 20.99 30.23
CA LEU B 68 -11.64 22.39 29.83
C LEU B 68 -12.09 22.52 28.38
N SER B 69 -12.69 23.66 28.00
CA SER B 69 -13.16 23.89 26.62
C SER B 69 -12.09 24.47 25.71
N LYS B 70 -12.37 24.47 24.42
CA LYS B 70 -11.44 25.04 23.43
C LYS B 70 -11.40 26.57 23.47
N GLU B 71 -12.44 27.17 24.03
CA GLU B 71 -12.53 28.62 24.17
C GLU B 71 -11.88 29.05 25.50
N ASP B 72 -11.49 28.08 26.33
CA ASP B 72 -10.77 28.33 27.58
C ASP B 72 -9.32 28.73 27.30
N PRO B 73 -8.85 29.80 27.94
CA PRO B 73 -7.54 30.37 27.63
C PRO B 73 -6.38 29.67 28.31
N VAL B 74 -6.09 28.48 27.84
CA VAL B 74 -5.01 27.66 28.36
C VAL B 74 -3.64 27.96 27.80
N VAL B 75 -2.61 27.85 28.63
CA VAL B 75 -1.22 27.86 28.18
C VAL B 75 -0.50 26.68 28.79
N CYS B 76 0.35 26.04 28.00
CA CYS B 76 1.13 24.93 28.50
C CYS B 76 2.47 25.50 28.94
N VAL B 77 2.88 25.15 30.14
CA VAL B 77 4.02 25.83 30.73
C VAL B 77 5.15 24.90 31.20
N GLN B 78 6.36 25.40 31.05
CA GLN B 78 7.57 24.73 31.51
C GLN B 78 8.36 25.76 32.28
N TRP B 79 8.45 25.63 33.60
CA TRP B 79 9.18 26.63 34.40
C TRP B 79 8.52 28.02 34.27
N ASN B 80 9.26 29.02 33.80
CA ASN B 80 8.69 30.35 33.52
C ASN B 80 8.34 30.63 32.05
N SER B 81 8.53 29.65 31.18
CA SER B 81 8.31 29.89 29.77
C SER B 81 7.05 29.18 29.27
N ILE B 82 6.42 29.77 28.26
CA ILE B 82 5.19 29.20 27.69
C ILE B 82 5.55 28.43 26.45
N ILE B 83 5.24 27.13 26.40
CA ILE B 83 5.65 26.28 25.28
C ILE B 83 4.54 26.02 24.25
N ALA B 84 3.29 26.22 24.64
CA ALA B 84 2.16 26.15 23.70
C ALA B 84 1.12 27.16 24.13
N VAL B 85 0.48 27.81 23.18
CA VAL B 85 -0.51 28.85 23.46
C VAL B 85 -1.80 28.60 22.71
N SER B 86 -2.87 28.29 23.44
CA SER B 86 -4.16 28.05 22.80
C SER B 86 -4.59 29.30 22.06
N TYR B 87 -5.46 29.13 21.08
CA TYR B 87 -5.90 30.26 20.28
C TYR B 87 -6.80 31.18 21.06
N ALA B 88 -7.50 30.64 22.05
CA ALA B 88 -8.29 31.47 22.96
C ALA B 88 -7.38 32.40 23.74
N ALA B 89 -6.20 31.93 24.11
CA ALA B 89 -5.28 32.77 24.85
C ALA B 89 -4.68 33.83 23.93
N ARG B 90 -4.63 33.55 22.64
CA ARG B 90 -4.03 34.46 21.67
C ARG B 90 -4.87 35.68 21.39
N LYS B 91 -6.14 35.62 21.75
CA LYS B 91 -7.04 36.75 21.61
C LYS B 91 -6.61 37.92 22.50
N TYR B 92 -5.73 37.65 23.47
CA TYR B 92 -5.26 38.63 24.42
C TYR B 92 -3.83 39.08 24.13
N GLY B 93 -3.33 38.76 22.94
CA GLY B 93 -1.98 39.15 22.55
C GLY B 93 -0.88 38.32 23.18
N ILE B 94 -1.23 37.19 23.79
CA ILE B 94 -0.25 36.29 24.38
C ILE B 94 0.42 35.49 23.27
N SER B 95 1.72 35.28 23.38
CA SER B 95 2.45 34.35 22.52
C SER B 95 3.54 33.64 23.31
N ARG B 96 4.25 32.71 22.66
CA ARG B 96 5.31 31.95 23.34
C ARG B 96 6.45 32.84 23.79
N MET B 97 6.63 33.97 23.08
CA MET B 97 7.64 34.99 23.42
CA MET B 97 7.70 34.90 23.45
C MET B 97 7.47 35.49 24.85
N ASP B 98 6.23 35.50 25.33
CA ASP B 98 5.90 35.99 26.66
C ASP B 98 6.29 35.00 27.76
N THR B 99 6.70 35.52 28.92
CA THR B 99 6.81 34.71 30.12
C THR B 99 5.43 34.60 30.73
N ILE B 100 5.25 33.66 31.65
CA ILE B 100 3.96 33.50 32.34
C ILE B 100 3.51 34.75 33.06
N GLN B 101 4.46 35.48 33.61
CA GLN B 101 4.11 36.69 34.36
CA GLN B 101 4.18 36.71 34.36
C GLN B 101 3.71 37.78 33.39
N GLU B 102 4.35 37.84 32.23
CA GLU B 102 3.96 38.79 31.20
C GLU B 102 2.56 38.47 30.67
N ALA B 103 2.29 37.19 30.42
CA ALA B 103 0.99 36.77 29.87
C ALA B 103 -0.16 37.08 30.83
N LEU B 104 0.11 37.00 32.13
CA LEU B 104 -0.90 37.29 33.16
C LEU B 104 -1.25 38.76 33.27
N LYS B 105 -0.40 39.64 32.74
CA LYS B 105 -0.74 41.06 32.63
C LYS B 105 -1.49 41.36 31.34
N LYS B 106 -1.61 40.34 30.48
CA LYS B 106 -2.45 40.41 29.28
C LYS B 106 -3.83 39.74 29.49
N CYS B 107 -3.86 38.70 30.32
CA CYS B 107 -5.11 38.07 30.75
C CYS B 107 -4.94 37.54 32.16
N SER B 108 -5.64 38.13 33.13
CA SER B 108 -5.54 37.69 34.51
C SER B 108 -6.28 36.38 34.76
N ASN B 109 -7.23 36.04 33.88
CA ASN B 109 -7.93 34.73 33.92
C ASN B 109 -7.22 33.56 33.22
N LEU B 110 -5.99 33.79 32.75
CA LEU B 110 -5.17 32.77 32.10
C LEU B 110 -5.15 31.46 32.91
N ILE B 111 -5.23 30.34 32.23
CA ILE B 111 -5.15 29.02 32.86
C ILE B 111 -3.83 28.35 32.45
N PRO B 112 -2.74 28.69 33.17
CA PRO B 112 -1.47 28.05 32.93
C PRO B 112 -1.46 26.68 33.58
N ILE B 113 -0.93 25.71 32.84
CA ILE B 113 -0.92 24.33 33.26
C ILE B 113 0.48 23.82 33.00
N HIS B 114 1.17 23.38 34.05
CA HIS B 114 2.54 22.90 33.89
C HIS B 114 2.62 21.52 33.26
N THR B 115 3.73 21.22 32.61
CA THR B 115 3.90 19.92 32.00
C THR B 115 4.05 18.93 33.12
N ALA B 116 3.98 17.65 32.82
CA ALA B 116 4.23 16.64 33.81
C ALA B 116 5.71 16.68 34.10
N VAL B 117 6.10 16.25 35.30
CA VAL B 117 7.50 16.25 35.63
C VAL B 117 8.02 14.98 36.29
N PHE B 118 9.30 14.74 36.08
CA PHE B 118 10.01 13.67 36.73
C PHE B 118 10.69 14.30 37.91
N LYS B 119 10.77 13.58 39.02
CA LYS B 119 11.57 14.05 40.12
C LYS B 119 12.87 13.29 40.17
N LYS B 120 13.96 14.04 40.33
CA LYS B 120 15.29 13.47 40.45
C LYS B 120 15.24 12.31 41.43
N GLY B 121 15.68 11.14 40.97
CA GLY B 121 15.72 9.94 41.79
C GLY B 121 14.50 9.06 41.76
N GLU B 122 13.46 9.44 41.00
CA GLU B 122 12.23 8.63 40.85
C GLU B 122 12.05 8.19 39.40
N ASP B 123 11.52 7.00 39.19
CA ASP B 123 11.39 6.43 37.83
C ASP B 123 10.04 6.70 37.13
N PHE B 124 9.23 7.60 37.68
CA PHE B 124 7.91 7.89 37.12
C PHE B 124 7.68 9.38 37.07
N TRP B 125 6.82 9.80 36.16
CA TRP B 125 6.49 11.21 36.01
C TRP B 125 5.09 11.42 36.48
N GLN B 126 4.80 12.66 36.82
CA GLN B 126 3.54 12.97 37.40
C GLN B 126 3.16 14.42 37.14
N TYR B 127 1.88 14.73 37.31
CA TYR B 127 1.37 16.09 37.14
C TYR B 127 1.16 16.71 38.50
N HIS B 128 1.54 17.97 38.63
CA HIS B 128 1.28 18.75 39.85
C HIS B 128 0.32 19.90 39.55
N ASP B 129 -0.95 19.57 39.33
CA ASP B 129 -1.95 20.60 39.01
C ASP B 129 -2.11 21.52 40.21
N GLY B 130 -2.31 22.81 39.96
CA GLY B 130 -2.34 23.81 41.03
C GLY B 130 -0.99 24.05 41.73
N CYS B 131 0.11 23.66 41.08
CA CYS B 131 1.48 24.01 41.49
C CYS B 131 2.19 24.67 40.29
N GLY B 132 2.97 25.72 40.55
CA GLY B 132 3.69 26.46 39.48
C GLY B 132 4.32 27.78 39.90
N SER B 133 5.31 28.24 39.12
CA SER B 133 6.04 29.49 39.42
C SER B 133 5.13 30.70 39.57
N TRP B 134 3.99 30.65 38.91
CA TRP B 134 3.04 31.75 38.94
C TRP B 134 2.16 31.76 40.19
N VAL B 135 1.98 30.61 40.85
CA VAL B 135 1.17 30.56 42.08
C VAL B 135 2.00 31.03 43.27
N GLN B 136 1.43 31.94 44.04
CA GLN B 136 2.19 32.70 45.03
C GLN B 136 2.67 31.85 46.21
N ASP B 137 1.83 30.92 46.65
CA ASP B 137 2.17 29.97 47.72
C ASP B 137 3.53 29.23 47.52
N PRO B 138 4.52 29.48 48.39
CA PRO B 138 5.81 28.75 48.40
C PRO B 138 5.69 27.23 48.58
N ALA B 139 4.60 26.79 49.21
CA ALA B 139 4.33 25.35 49.34
C ALA B 139 4.05 24.69 47.98
N LYS B 140 3.56 25.46 47.01
CA LYS B 140 3.07 24.90 45.74
C LYS B 140 3.94 25.27 44.53
N GLN B 141 5.22 24.91 44.59
CA GLN B 141 6.16 25.20 43.50
C GLN B 141 6.69 23.92 42.89
N ILE B 142 7.08 24.00 41.62
CA ILE B 142 7.75 22.89 40.96
C ILE B 142 9.18 23.33 40.69
N SER B 143 10.08 22.94 41.58
CA SER B 143 11.46 23.39 41.52
C SER B 143 12.20 22.91 40.28
N VAL B 144 12.83 23.82 39.54
CA VAL B 144 13.61 23.44 38.35
C VAL B 144 14.81 22.53 38.66
N GLU B 145 15.41 22.74 39.82
CA GLU B 145 16.65 22.08 40.21
C GLU B 145 16.56 20.58 40.34
N ASP B 146 15.45 20.10 40.88
CA ASP B 146 15.25 18.67 41.08
C ASP B 146 14.16 18.00 40.23
N HIS B 147 13.71 18.67 39.19
CA HIS B 147 12.65 18.12 38.34
C HIS B 147 13.00 18.15 36.86
N LYS B 148 12.44 17.19 36.12
CA LYS B 148 12.62 17.12 34.67
C LYS B 148 11.26 17.00 33.98
N VAL B 149 11.10 17.72 32.88
CA VAL B 149 9.86 17.73 32.12
C VAL B 149 9.69 16.39 31.42
N SER B 150 8.49 15.84 31.52
CA SER B 150 8.08 14.69 30.73
C SER B 150 7.20 15.16 29.61
N LEU B 151 7.43 14.64 28.41
CA LEU B 151 6.56 14.89 27.24
C LEU B 151 5.79 13.64 26.83
N GLU B 152 5.80 12.61 27.67
CA GLU B 152 5.10 11.35 27.38
C GLU B 152 3.60 11.59 27.09
N PRO B 153 2.93 12.44 27.88
CA PRO B 153 1.52 12.63 27.63
C PRO B 153 1.18 13.13 26.23
N TYR B 154 2.05 13.96 25.66
CA TYR B 154 1.85 14.43 24.29
C TYR B 154 2.18 13.31 23.31
N ARG B 155 3.25 12.57 23.58
CA ARG B 155 3.64 11.41 22.78
CA ARG B 155 3.63 11.44 22.73
C ARG B 155 2.48 10.43 22.68
N ARG B 156 2.00 10.03 23.86
CA ARG B 156 0.88 9.09 23.90
C ARG B 156 -0.30 9.56 23.06
N GLU B 157 -0.69 10.82 23.26
CA GLU B 157 -1.86 11.39 22.58
C GLU B 157 -1.66 11.54 21.08
N SER B 158 -0.46 11.89 20.66
CA SER B 158 -0.10 11.91 19.25
C SER B 158 -0.36 10.54 18.60
N ARG B 159 0.04 9.48 19.32
CA ARG B 159 -0.08 8.08 18.90
C ARG B 159 -1.52 7.64 18.72
N LYS B 160 -2.40 8.15 19.57
CA LYS B 160 -3.81 7.86 19.42
C LYS B 160 -4.28 8.44 18.09
N ALA B 161 -3.93 9.70 17.85
CA ALA B 161 -4.29 10.38 16.62
C ALA B 161 -3.78 9.59 15.44
N LEU B 162 -2.52 9.22 15.52
CA LEU B 162 -1.90 8.55 14.41
C LEU B 162 -2.67 7.25 14.13
N LYS B 163 -3.07 6.53 15.17
CA LYS B 163 -3.83 5.29 14.97
C LYS B 163 -5.12 5.53 14.19
N ILE B 164 -5.84 6.58 14.53
CA ILE B 164 -7.10 6.92 13.89
C ILE B 164 -6.88 7.28 12.42
N PHE B 165 -5.85 8.06 12.14
CA PHE B 165 -5.52 8.44 10.78
C PHE B 165 -5.25 7.20 9.93
N LYS B 166 -4.36 6.34 10.42
CA LYS B 166 -4.01 5.08 9.75
C LYS B 166 -5.21 4.17 9.50
N SER B 167 -6.25 4.31 10.30
CA SER B 167 -7.47 3.52 10.11
C SER B 167 -8.25 4.05 8.95
N ALA B 168 -8.23 5.37 8.79
CA ALA B 168 -9.06 6.05 7.82
C ALA B 168 -8.42 6.08 6.45
N CYS B 169 -7.09 5.99 6.41
CA CYS B 169 -6.32 6.16 5.17
C CYS B 169 -5.16 5.21 5.07
N ASP B 170 -4.84 4.76 3.86
CA ASP B 170 -3.78 3.76 3.69
C ASP B 170 -2.37 4.27 3.47
N LEU B 171 -2.22 5.57 3.23
CA LEU B 171 -0.90 6.16 3.15
C LEU B 171 -0.90 7.36 4.07
N VAL B 172 -0.19 7.25 5.19
CA VAL B 172 -0.12 8.32 6.15
C VAL B 172 1.33 8.61 6.48
N GLU B 173 1.70 9.88 6.48
CA GLU B 173 3.05 10.24 6.84
C GLU B 173 3.03 11.04 8.13
N ARG B 174 3.86 10.63 9.08
CA ARG B 174 3.92 11.32 10.35
C ARG B 174 4.99 12.38 10.22
N ALA B 175 4.54 13.61 9.98
CA ALA B 175 5.41 14.73 9.66
C ALA B 175 6.05 15.28 10.90
N SER B 176 5.34 15.20 12.01
CA SER B 176 5.85 15.66 13.30
C SER B 176 4.96 15.14 14.42
N ILE B 177 5.26 15.58 15.65
CA ILE B 177 4.48 15.21 16.84
C ILE B 177 2.98 15.52 16.65
N ASP B 178 2.67 16.56 15.88
CA ASP B 178 1.30 17.01 15.78
C ASP B 178 0.77 17.25 14.37
N GLU B 179 1.47 16.72 13.37
CA GLU B 179 1.15 16.94 11.96
C GLU B 179 1.31 15.68 11.15
N VAL B 180 0.35 15.45 10.25
CA VAL B 180 0.42 14.32 9.33
C VAL B 180 0.12 14.77 7.92
N PHE B 181 0.57 13.97 6.97
CA PHE B 181 0.15 14.05 5.59
C PHE B 181 -0.65 12.78 5.25
N LEU B 182 -1.69 12.93 4.42
CA LEU B 182 -2.46 11.79 3.93
C LEU B 182 -2.51 11.82 2.42
N ASP B 183 -2.31 10.66 1.78
CA ASP B 183 -2.58 10.46 0.36
C ASP B 183 -3.99 9.91 0.23
N LEU B 184 -4.87 10.70 -0.38
CA LEU B 184 -6.28 10.31 -0.48
C LEU B 184 -6.67 9.72 -1.84
N GLY B 185 -5.66 9.40 -2.64
CA GLY B 185 -5.87 8.89 -3.99
C GLY B 185 -6.76 7.68 -4.12
N ARG B 186 -6.54 6.65 -3.29
CA ARG B 186 -7.35 5.44 -3.37
C ARG B 186 -8.77 5.75 -3.05
N ILE B 187 -8.95 6.45 -1.93
CA ILE B 187 -10.27 6.75 -1.42
C ILE B 187 -11.01 7.56 -2.45
N CYS B 188 -10.34 8.55 -3.02
CA CYS B 188 -10.99 9.40 -4.01
C CYS B 188 -11.32 8.64 -5.28
N PHE B 189 -10.39 7.84 -5.78
CA PHE B 189 -10.58 7.11 -7.04
C PHE B 189 -11.68 6.09 -6.87
N ASN B 190 -11.66 5.41 -5.72
CA ASN B 190 -12.70 4.49 -5.36
C ASN B 190 -14.07 5.20 -5.23
N MET B 191 -14.13 6.36 -4.59
CA MET B 191 -15.40 7.08 -4.47
C MET B 191 -15.90 7.43 -5.87
N LEU B 192 -14.99 7.94 -6.67
CA LEU B 192 -15.32 8.42 -7.98
C LEU B 192 -15.91 7.33 -8.87
N MET B 193 -15.40 6.10 -8.74
CA MET B 193 -15.77 5.03 -9.66
C MET B 193 -16.78 4.02 -9.13
N PHE B 194 -16.85 3.83 -7.81
CA PHE B 194 -17.64 2.74 -7.24
C PHE B 194 -18.63 3.06 -6.14
N ASP B 195 -18.59 4.27 -5.58
CA ASP B 195 -19.50 4.65 -4.50
C ASP B 195 -20.91 4.85 -5.05
N ASN B 196 -21.82 3.95 -4.69
CA ASN B 196 -23.21 4.10 -5.12
C ASN B 196 -24.11 4.77 -4.08
N GLU B 197 -23.55 5.13 -2.93
CA GLU B 197 -24.33 5.75 -1.86
C GLU B 197 -24.26 7.28 -1.68
N TYR B 198 -23.29 7.94 -2.30
CA TYR B 198 -23.13 9.38 -2.12
C TYR B 198 -24.12 10.13 -3.04
N GLU B 199 -24.69 11.22 -2.54
CA GLU B 199 -25.62 12.02 -3.34
C GLU B 199 -25.42 13.52 -3.22
N LEU B 200 -25.37 14.18 -4.38
CA LEU B 200 -25.08 15.61 -4.50
C LEU B 200 -26.22 16.48 -3.98
N THR B 201 -27.44 16.06 -4.30
CA THR B 201 -28.65 16.72 -3.83
C THR B 201 -29.61 15.64 -3.31
N GLY B 202 -30.79 16.05 -2.87
CA GLY B 202 -31.77 15.09 -2.40
C GLY B 202 -32.12 14.14 -3.53
N ASP B 203 -32.16 14.68 -4.74
CA ASP B 203 -32.53 13.91 -5.93
C ASP B 203 -31.38 13.30 -6.77
N LEU B 204 -30.14 13.74 -6.51
CA LEU B 204 -29.01 13.32 -7.33
C LEU B 204 -27.89 12.58 -6.61
N LYS B 205 -27.42 11.52 -7.25
CA LYS B 205 -26.36 10.69 -6.69
C LYS B 205 -25.23 10.53 -7.70
N LEU B 206 -24.05 10.23 -7.19
CA LEU B 206 -22.86 10.09 -8.02
C LEU B 206 -22.96 8.99 -9.05
N LYS B 207 -23.57 7.87 -8.69
CA LYS B 207 -23.60 6.74 -9.61
C LYS B 207 -24.24 7.19 -10.93
N ASP B 208 -25.26 8.05 -10.82
CA ASP B 208 -25.96 8.58 -11.97
C ASP B 208 -25.27 9.82 -12.52
N ALA B 209 -24.69 10.62 -11.64
CA ALA B 209 -23.94 11.80 -12.08
C ALA B 209 -22.74 11.40 -12.94
N LEU B 210 -22.02 10.38 -12.52
CA LEU B 210 -20.79 9.96 -13.20
C LEU B 210 -20.90 8.71 -14.07
N SER B 211 -22.12 8.33 -14.42
CA SER B 211 -22.33 7.10 -15.18
C SER B 211 -21.43 6.94 -16.41
N ASN B 212 -21.15 8.03 -17.11
CA ASN B 212 -20.30 7.95 -18.30
C ASN B 212 -18.86 7.51 -17.94
N ILE B 213 -18.19 8.25 -17.07
CA ILE B 213 -16.83 7.91 -16.65
C ILE B 213 -16.76 6.48 -16.04
N ARG B 214 -17.77 6.11 -15.24
CA ARG B 214 -17.79 4.81 -14.59
C ARG B 214 -18.03 3.66 -15.56
N GLU B 215 -18.65 3.94 -16.68
CA GLU B 215 -18.96 2.89 -17.63
C GLU B 215 -17.86 2.76 -18.67
N ALA B 216 -17.23 3.87 -19.05
CA ALA B 216 -16.04 3.85 -19.91
C ALA B 216 -14.95 3.06 -19.22
N PHE B 217 -14.73 3.38 -17.95
CA PHE B 217 -13.67 2.76 -17.15
C PHE B 217 -13.82 1.24 -17.02
N ILE B 218 -14.99 0.78 -16.58
CA ILE B 218 -15.24 -0.66 -16.51
C ILE B 218 -15.10 -1.32 -17.89
N GLY B 219 -15.46 -0.58 -18.93
CA GLY B 219 -15.42 -1.02 -20.31
C GLY B 219 -14.04 -1.38 -20.79
N GLY B 220 -13.04 -0.63 -20.35
CA GLY B 220 -11.66 -0.92 -20.67
C GLY B 220 -11.23 -0.63 -22.09
N ASN B 221 -12.08 0.09 -22.82
CA ASN B 221 -11.86 0.34 -24.23
C ASN B 221 -10.98 1.53 -24.56
N TYR B 222 -10.72 2.34 -23.55
CA TYR B 222 -9.83 3.48 -23.67
C TYR B 222 -8.38 3.01 -23.76
N ASP B 223 -7.50 3.88 -24.22
CA ASP B 223 -6.07 3.65 -24.21
C ASP B 223 -5.58 4.51 -23.07
N ILE B 224 -4.56 4.05 -22.34
CA ILE B 224 -4.21 4.71 -21.08
C ILE B 224 -3.68 6.13 -21.32
N ASN B 225 -3.05 6.34 -22.47
CA ASN B 225 -2.64 7.68 -22.87
C ASN B 225 -3.74 8.57 -23.47
N SER B 226 -4.95 8.06 -23.65
CA SER B 226 -6.07 8.87 -24.14
C SER B 226 -6.49 9.84 -23.08
N HIS B 227 -7.02 10.99 -23.48
CA HIS B 227 -7.51 11.96 -22.53
C HIS B 227 -8.86 11.51 -21.99
N LEU B 228 -9.17 11.93 -20.77
CA LEU B 228 -10.45 11.54 -20.18
C LEU B 228 -11.52 12.28 -20.94
N PRO B 229 -12.77 11.81 -20.86
CA PRO B 229 -13.84 12.61 -21.46
C PRO B 229 -14.10 13.84 -20.62
N LEU B 230 -14.86 14.79 -21.16
CA LEU B 230 -15.21 15.99 -20.42
C LEU B 230 -16.05 15.63 -19.23
N ILE B 231 -15.89 16.40 -18.16
CA ILE B 231 -16.72 16.22 -16.98
C ILE B 231 -18.17 16.55 -17.37
N PRO B 232 -19.13 15.77 -16.86
CA PRO B 232 -20.53 16.00 -17.15
C PRO B 232 -21.09 17.14 -16.32
N GLU B 233 -22.09 17.83 -16.85
CA GLU B 233 -22.68 18.99 -16.19
C GLU B 233 -23.24 18.71 -14.81
N LYS B 234 -23.83 17.54 -14.61
CA LYS B 234 -24.46 17.21 -13.33
C LYS B 234 -23.48 17.24 -12.17
N ILE B 235 -22.24 16.84 -12.42
CA ILE B 235 -21.23 16.82 -11.38
C ILE B 235 -20.94 18.21 -10.83
N LYS B 236 -20.97 19.22 -11.69
CA LYS B 236 -20.65 20.59 -11.28
C LYS B 236 -21.34 21.03 -9.99
N SER B 237 -22.45 20.38 -9.64
CA SER B 237 -23.18 20.71 -8.42
C SER B 237 -22.49 20.19 -7.17
N LEU B 238 -21.52 19.29 -7.37
CA LEU B 238 -20.76 18.66 -6.27
C LEU B 238 -20.04 19.69 -5.42
N LYS B 239 -20.11 19.49 -4.12
CA LYS B 239 -19.61 20.47 -3.17
C LYS B 239 -18.29 20.22 -2.49
N PHE B 240 -17.57 21.31 -2.30
CA PHE B 240 -16.35 21.34 -1.53
C PHE B 240 -16.75 21.59 -0.09
N GLU B 241 -15.99 21.01 0.80
CA GLU B 241 -16.13 21.20 2.21
C GLU B 241 -14.89 21.98 2.61
N GLY B 242 -15.07 23.05 3.38
CA GLY B 242 -13.98 23.93 3.74
C GLY B 242 -13.95 25.19 2.90
N ASP B 243 -12.84 25.92 2.95
CA ASP B 243 -12.72 27.21 2.25
C ASP B 243 -11.95 27.06 0.96
N VAL B 244 -12.66 27.12 -0.15
CA VAL B 244 -12.01 27.04 -1.44
C VAL B 244 -11.34 28.40 -1.70
N PHE B 245 -10.03 28.42 -1.85
CA PHE B 245 -9.30 29.67 -2.05
C PHE B 245 -9.44 30.17 -3.49
N ASN B 246 -10.26 31.19 -3.70
CA ASN B 246 -10.59 31.63 -5.05
C ASN B 246 -10.68 33.15 -5.22
N PRO B 247 -9.62 33.89 -4.85
CA PRO B 247 -9.60 35.35 -5.00
C PRO B 247 -10.18 35.84 -6.33
N GLU B 248 -9.84 35.15 -7.42
CA GLU B 248 -10.27 35.54 -8.76
C GLU B 248 -11.67 35.01 -9.14
N GLY B 249 -12.37 34.37 -8.20
CA GLY B 249 -13.72 33.87 -8.47
C GLY B 249 -13.84 32.97 -9.70
N ARG B 250 -12.91 32.02 -9.82
CA ARG B 250 -12.91 31.04 -10.91
C ARG B 250 -14.01 29.97 -10.73
N ASP B 251 -14.24 29.15 -11.76
CA ASP B 251 -15.24 28.10 -11.67
C ASP B 251 -14.75 26.97 -10.75
N LEU B 252 -15.59 26.53 -9.82
CA LEU B 252 -15.19 25.55 -8.80
C LEU B 252 -14.88 24.17 -9.40
N ILE B 253 -15.76 23.65 -10.25
CA ILE B 253 -15.53 22.35 -10.93
C ILE B 253 -15.36 22.49 -12.46
N THR B 254 -14.13 22.42 -12.96
CA THR B 254 -13.85 22.55 -14.41
C THR B 254 -13.21 21.33 -15.07
N ASP B 255 -12.80 20.34 -14.28
CA ASP B 255 -12.09 19.17 -14.80
C ASP B 255 -11.89 18.16 -13.67
N TRP B 256 -11.37 16.99 -14.01
CA TRP B 256 -11.36 15.87 -13.08
C TRP B 256 -10.58 16.14 -11.81
N ASP B 257 -9.48 16.89 -11.90
CA ASP B 257 -8.71 17.23 -10.70
C ASP B 257 -9.58 17.95 -9.69
N ASP B 258 -10.48 18.81 -10.18
CA ASP B 258 -11.46 19.46 -9.32
C ASP B 258 -12.44 18.45 -8.72
N VAL B 259 -12.89 17.46 -9.47
CA VAL B 259 -13.82 16.48 -8.90
C VAL B 259 -13.17 15.71 -7.74
N ILE B 260 -11.99 15.17 -8.00
CA ILE B 260 -11.18 14.47 -7.00
C ILE B 260 -10.91 15.29 -5.74
N LEU B 261 -10.55 16.56 -5.92
CA LEU B 261 -10.22 17.44 -4.80
C LEU B 261 -11.46 17.66 -3.95
N ALA B 262 -12.60 17.78 -4.63
CA ALA B 262 -13.88 18.01 -3.97
C ALA B 262 -14.25 16.77 -3.13
N LEU B 263 -14.15 15.59 -3.73
CA LEU B 263 -14.40 14.36 -2.97
C LEU B 263 -13.44 14.22 -1.77
N GLY B 264 -12.16 14.50 -2.00
CA GLY B 264 -11.16 14.49 -0.93
C GLY B 264 -11.54 15.31 0.26
N SER B 265 -11.92 16.57 0.03
CA SER B 265 -12.37 17.46 1.10
C SER B 265 -13.48 16.86 1.97
N GLN B 266 -14.47 16.24 1.36
CA GLN B 266 -15.54 15.56 2.12
C GLN B 266 -14.92 14.49 3.00
N VAL B 267 -14.15 13.61 2.37
CA VAL B 267 -13.50 12.50 3.06
C VAL B 267 -12.66 13.02 4.20
N CYS B 268 -11.94 14.08 3.91
CA CYS B 268 -11.01 14.68 4.83
C CYS B 268 -11.72 15.32 6.05
N LYS B 269 -12.91 15.86 5.82
CA LYS B 269 -13.72 16.40 6.91
C LYS B 269 -14.18 15.30 7.84
N GLY B 270 -14.45 14.11 7.28
CA GLY B 270 -14.88 12.95 8.06
C GLY B 270 -13.79 12.49 9.00
N ILE B 271 -12.56 12.50 8.51
CA ILE B 271 -11.44 12.05 9.28
C ILE B 271 -11.23 12.99 10.47
N ARG B 272 -11.15 14.28 10.17
CA ARG B 272 -10.94 15.30 11.19
C ARG B 272 -12.03 15.30 12.29
N ASP B 273 -13.26 14.95 11.91
CA ASP B 273 -14.34 14.82 12.88
C ASP B 273 -14.09 13.61 13.77
N SER B 274 -13.53 12.54 13.22
CA SER B 274 -13.18 11.38 14.02
C SER B 274 -12.19 11.78 15.11
N ILE B 275 -11.19 12.59 14.75
CA ILE B 275 -10.21 13.04 15.70
C ILE B 275 -10.95 13.81 16.79
N LYS B 276 -11.77 14.78 16.40
CA LYS B 276 -12.46 15.64 17.37
C LYS B 276 -13.46 14.84 18.19
N ASP B 277 -14.21 13.94 17.58
CA ASP B 277 -15.16 13.11 18.34
C ASP B 277 -14.50 12.13 19.30
N ILE B 278 -13.40 11.48 18.90
CA ILE B 278 -12.77 10.45 19.73
C ILE B 278 -11.76 11.00 20.74
N LEU B 279 -11.01 12.04 20.36
CA LEU B 279 -9.96 12.62 21.23
C LEU B 279 -10.21 14.07 21.67
N GLY B 280 -11.01 14.83 20.94
CA GLY B 280 -11.35 16.21 21.29
C GLY B 280 -10.46 17.28 20.71
N TYR B 281 -9.57 16.91 19.80
CA TYR B 281 -8.65 17.87 19.22
C TYR B 281 -9.11 18.45 17.91
N THR B 282 -9.01 19.76 17.79
CA THR B 282 -9.34 20.47 16.58
C THR B 282 -8.15 20.40 15.62
N THR B 283 -8.37 20.57 14.34
CA THR B 283 -7.30 20.53 13.35
C THR B 283 -7.42 21.62 12.28
N SER B 284 -6.32 21.87 11.61
CA SER B 284 -6.26 22.75 10.47
C SER B 284 -6.00 21.79 9.34
N CYS B 285 -6.29 22.15 8.11
CA CYS B 285 -6.08 21.18 7.05
C CYS B 285 -5.96 21.86 5.72
N GLY B 286 -4.88 21.58 5.02
CA GLY B 286 -4.69 22.08 3.68
C GLY B 286 -4.87 20.96 2.68
N LEU B 287 -5.62 21.20 1.64
CA LEU B 287 -5.92 20.18 0.64
C LEU B 287 -5.46 20.64 -0.73
N SER B 288 -4.63 19.84 -1.35
CA SER B 288 -4.07 20.20 -2.62
C SER B 288 -3.40 19.05 -3.32
N SER B 289 -2.85 19.35 -4.47
CA SER B 289 -2.10 18.46 -5.33
C SER B 289 -0.76 17.95 -4.76
N THR B 290 -0.11 18.76 -3.94
CA THR B 290 1.22 18.48 -3.44
C THR B 290 1.43 18.71 -1.95
N LYS B 291 2.47 18.11 -1.38
CA LYS B 291 2.76 18.22 0.04
C LYS B 291 3.01 19.66 0.44
N ASN B 292 3.94 20.29 -0.26
CA ASN B 292 4.34 21.64 0.07
C ASN B 292 3.17 22.59 0.05
N VAL B 293 2.38 22.55 -1.00
CA VAL B 293 1.20 23.41 -1.06
C VAL B 293 0.20 23.03 0.04
N CYS B 294 0.07 21.74 0.33
CA CYS B 294 -0.78 21.33 1.45
C CYS B 294 -0.41 21.96 2.79
N LYS B 295 0.89 22.09 3.10
CA LYS B 295 1.31 22.66 4.38
C LYS B 295 1.06 24.16 4.46
N LEU B 296 1.37 24.86 3.38
CA LEU B 296 1.04 26.27 3.35
C LEU B 296 -0.46 26.44 3.63
N ALA B 297 -1.29 25.54 3.10
CA ALA B 297 -2.73 25.73 3.22
C ALA B 297 -3.24 25.45 4.62
N SER B 298 -2.72 24.43 5.27
CA SER B 298 -3.14 24.12 6.65
C SER B 298 -2.85 25.30 7.63
N ASN B 299 -1.82 26.07 7.30
CA ASN B 299 -1.42 27.22 8.09
C ASN B 299 -2.13 28.52 7.68
N TYR B 300 -2.72 28.56 6.50
CA TYR B 300 -3.41 29.76 6.02
C TYR B 300 -4.57 30.23 6.92
N LYS B 301 -5.35 29.29 7.45
CA LYS B 301 -6.39 29.60 8.40
C LYS B 301 -6.40 28.55 9.48
N LYS B 302 -6.43 29.00 10.74
CA LYS B 302 -6.41 28.13 11.90
C LYS B 302 -7.05 28.88 13.03
N PRO B 303 -7.56 28.17 14.04
CA PRO B 303 -7.60 26.73 14.13
C PRO B 303 -8.93 26.20 13.60
N ASP B 304 -9.04 24.89 13.48
CA ASP B 304 -10.30 24.31 13.08
C ASP B 304 -10.84 24.81 11.75
N ALA B 305 -9.98 24.80 10.74
CA ALA B 305 -10.35 25.27 9.42
C ALA B 305 -9.79 24.35 8.34
N GLN B 306 -10.43 24.37 7.18
CA GLN B 306 -9.96 23.58 6.05
C GLN B 306 -9.83 24.47 4.83
N THR B 307 -8.67 24.44 4.18
CA THR B 307 -8.45 25.25 3.00
C THR B 307 -8.14 24.38 1.79
N ILE B 308 -8.90 24.57 0.72
CA ILE B 308 -8.74 23.83 -0.51
C ILE B 308 -8.05 24.74 -1.53
N VAL B 309 -7.04 24.22 -2.21
CA VAL B 309 -6.35 24.98 -3.23
C VAL B 309 -6.39 24.17 -4.54
N LYS B 310 -7.15 24.70 -5.49
CA LYS B 310 -7.31 24.05 -6.79
C LYS B 310 -6.01 24.17 -7.55
N ASN B 311 -5.83 23.34 -8.57
CA ASN B 311 -4.67 23.45 -9.44
C ASN B 311 -4.70 24.78 -10.19
N ASP B 312 -5.88 25.16 -10.65
CA ASP B 312 -6.06 26.46 -11.33
C ASP B 312 -5.78 27.67 -10.44
N CYS B 313 -5.98 27.54 -9.12
CA CYS B 313 -5.69 28.64 -8.21
C CYS B 313 -4.28 28.60 -7.58
N LEU B 314 -3.44 27.65 -7.98
CA LEU B 314 -2.10 27.50 -7.37
C LEU B 314 -1.29 28.81 -7.39
N LEU B 315 -1.28 29.48 -8.54
CA LEU B 315 -0.53 30.73 -8.69
C LEU B 315 -1.23 31.85 -7.92
N ASP B 316 -2.56 31.89 -8.00
CA ASP B 316 -3.33 32.81 -7.16
C ASP B 316 -2.96 32.67 -5.70
N PHE B 317 -2.71 31.44 -5.27
CA PHE B 317 -2.41 31.14 -3.86
C PHE B 317 -0.98 31.52 -3.50
N LEU B 318 -0.03 31.04 -4.31
CA LEU B 318 1.37 31.34 -4.10
C LEU B 318 1.66 32.84 -4.12
N ASP B 319 0.93 33.59 -4.95
CA ASP B 319 1.17 35.04 -5.13
C ASP B 319 0.25 35.97 -4.31
N CYS B 320 -0.53 35.43 -3.38
CA CYS B 320 -1.50 36.25 -2.66
C CYS B 320 -0.84 37.34 -1.84
N GLY B 321 0.44 37.16 -1.49
CA GLY B 321 1.21 38.17 -0.78
C GLY B 321 1.90 37.63 0.47
N LYS B 322 1.25 36.67 1.13
CA LYS B 322 1.70 36.11 2.41
C LYS B 322 2.85 35.12 2.32
N PHE B 323 3.29 34.78 1.11
CA PHE B 323 4.32 33.77 0.93
C PHE B 323 5.55 34.28 0.21
N GLU B 324 6.62 33.54 0.41
CA GLU B 324 7.93 33.80 -0.19
C GLU B 324 8.63 32.45 -0.35
N ILE B 325 9.71 32.44 -1.12
CA ILE B 325 10.47 31.21 -1.33
C ILE B 325 10.88 30.58 0.01
N THR B 326 11.17 31.43 0.99
CA THR B 326 11.55 30.98 2.30
C THR B 326 10.38 30.39 3.09
N SER B 327 9.16 30.48 2.56
CA SER B 327 7.99 29.96 3.28
C SER B 327 7.88 28.45 3.16
N PHE B 328 8.63 27.86 2.23
CA PHE B 328 8.56 26.42 1.97
C PHE B 328 9.38 25.58 2.92
N TRP B 329 9.07 24.32 2.97
CA TRP B 329 9.40 23.42 4.04
C TRP B 329 10.87 23.36 4.39
N THR B 330 11.74 23.25 3.41
CA THR B 330 13.16 23.16 3.70
C THR B 330 13.91 24.47 3.64
N LEU B 331 13.21 25.53 3.29
CA LEU B 331 13.83 26.82 3.04
C LEU B 331 13.55 27.90 4.07
N GLY B 332 13.11 27.51 5.24
CA GLY B 332 12.77 28.47 6.27
C GLY B 332 13.96 28.89 7.10
N GLY B 333 15.11 28.31 6.78
CA GLY B 333 16.35 28.52 7.54
C GLY B 333 17.46 29.20 6.75
N VAL B 334 18.70 28.82 7.05
CA VAL B 334 19.88 29.47 6.50
C VAL B 334 20.03 29.28 4.98
N LEU B 335 19.74 28.07 4.49
CA LEU B 335 19.77 27.81 3.04
C LEU B 335 18.87 28.76 2.29
N GLY B 336 17.64 28.96 2.79
CA GLY B 336 16.71 29.89 2.20
C GLY B 336 17.30 31.28 2.04
N LYS B 337 17.88 31.80 3.13
CA LYS B 337 18.47 33.14 3.14
C LYS B 337 19.62 33.23 2.14
N GLU B 338 20.44 32.17 2.10
CA GLU B 338 21.52 32.09 1.12
C GLU B 338 20.94 32.21 -0.27
N LEU B 339 19.94 31.38 -0.56
CA LEU B 339 19.28 31.36 -1.87
C LEU B 339 18.80 32.74 -2.29
N ILE B 340 18.26 33.49 -1.34
CA ILE B 340 17.79 34.80 -1.69
C ILE B 340 18.97 35.60 -2.17
N ASP B 341 20.09 35.49 -1.47
CA ASP B 341 21.28 36.19 -1.90
C ASP B 341 21.84 35.66 -3.19
N VAL B 342 21.93 34.36 -3.27
CA VAL B 342 22.58 33.72 -4.39
C VAL B 342 21.86 34.02 -5.66
N LEU B 343 20.55 34.09 -5.58
CA LEU B 343 19.73 34.29 -6.77
C LEU B 343 19.34 35.74 -7.01
N ASP B 344 19.69 36.63 -6.09
CA ASP B 344 19.43 38.08 -6.23
C ASP B 344 17.92 38.33 -6.34
N LEU B 345 17.18 37.63 -5.49
CA LEU B 345 15.73 37.73 -5.44
C LEU B 345 15.35 38.90 -4.54
N PRO B 346 14.21 39.49 -4.86
CA PRO B 346 13.62 40.60 -4.11
C PRO B 346 13.02 40.14 -2.81
N HIS B 347 12.92 41.03 -1.85
CA HIS B 347 12.35 40.68 -0.57
C HIS B 347 10.84 40.51 -0.62
N GLU B 348 10.25 40.94 -1.72
CA GLU B 348 8.83 40.78 -1.97
C GLU B 348 8.65 40.04 -3.28
N ASN B 349 7.63 39.21 -3.36
CA ASN B 349 7.30 38.43 -4.55
C ASN B 349 8.49 37.67 -5.18
N SER B 350 9.21 36.96 -4.33
CA SER B 350 10.32 36.13 -4.78
C SER B 350 9.87 34.92 -5.58
N ILE B 351 8.70 34.37 -5.24
CA ILE B 351 8.17 33.19 -5.95
C ILE B 351 7.83 33.57 -7.38
N LYS B 352 7.04 34.62 -7.54
CA LYS B 352 6.73 35.16 -8.87
C LYS B 352 8.01 35.49 -9.63
N HIS B 353 8.91 36.21 -8.97
CA HIS B 353 10.20 36.58 -9.55
C HIS B 353 10.90 35.35 -10.11
N ILE B 354 10.87 34.24 -9.36
CA ILE B 354 11.48 32.98 -9.80
C ILE B 354 10.79 32.39 -11.04
N ARG B 355 9.48 32.50 -11.12
CA ARG B 355 8.74 31.88 -12.22
C ARG B 355 9.08 32.53 -13.55
N GLU B 356 9.17 33.86 -13.56
CA GLU B 356 9.34 34.64 -14.80
C GLU B 356 10.80 34.74 -15.26
N THR B 357 11.73 34.83 -14.31
CA THR B 357 13.16 34.91 -14.61
C THR B 357 13.71 33.58 -15.16
N TRP B 358 13.00 32.50 -14.88
CA TRP B 358 13.29 31.19 -15.43
C TRP B 358 11.94 30.61 -15.83
N PRO B 359 11.38 31.22 -16.86
CA PRO B 359 10.06 31.00 -17.42
C PRO B 359 9.84 29.67 -18.13
N ASP B 360 10.83 29.20 -18.86
CA ASP B 360 10.63 28.02 -19.71
C ASP B 360 11.06 26.67 -19.20
N ASN B 361 12.22 26.57 -18.57
CA ASN B 361 12.64 25.26 -18.10
C ASN B 361 13.57 25.30 -16.90
N ALA B 362 13.62 24.21 -16.16
CA ALA B 362 14.48 24.12 -14.98
C ALA B 362 15.96 24.38 -15.32
N GLY B 363 16.39 23.90 -16.49
CA GLY B 363 17.77 24.03 -16.93
C GLY B 363 18.28 25.46 -16.91
N GLN B 364 17.46 26.43 -17.25
CA GLN B 364 17.98 27.78 -17.24
C GLN B 364 18.52 28.08 -15.85
N LEU B 365 17.75 27.69 -14.85
CA LEU B 365 18.10 27.93 -13.47
C LEU B 365 19.36 27.20 -13.10
N LYS B 366 19.50 25.98 -13.60
CA LYS B 366 20.68 25.17 -13.33
C LYS B 366 21.94 25.86 -13.83
N GLU B 367 21.90 26.35 -15.05
CA GLU B 367 23.07 27.01 -15.62
C GLU B 367 23.41 28.27 -14.83
N PHE B 368 22.38 29.06 -14.52
CA PHE B 368 22.55 30.27 -13.76
C PHE B 368 23.19 29.88 -12.44
N LEU B 369 22.70 28.78 -11.87
CA LEU B 369 23.25 28.26 -10.62
C LEU B 369 24.71 27.82 -10.76
N ASP B 370 25.04 27.19 -11.88
CA ASP B 370 26.40 26.70 -12.10
C ASP B 370 27.43 27.84 -12.12
N ALA B 371 27.08 28.94 -12.77
CA ALA B 371 27.96 30.08 -12.84
C ALA B 371 28.19 30.71 -11.47
N LYS B 372 27.10 30.91 -10.73
CA LYS B 372 27.20 31.50 -9.40
C LYS B 372 27.97 30.56 -8.50
N VAL B 373 27.86 29.28 -8.81
CA VAL B 373 28.60 28.24 -8.11
C VAL B 373 30.08 28.48 -8.37
N LYS B 374 30.38 28.93 -9.59
CA LYS B 374 31.72 29.23 -10.05
C LYS B 374 32.17 30.68 -9.80
N GLN B 375 31.33 31.48 -9.16
CA GLN B 375 31.68 32.88 -8.87
C GLN B 375 32.80 32.99 -7.85
N SER B 376 33.49 34.12 -7.87
CA SER B 376 34.62 34.37 -6.99
C SER B 376 34.27 34.47 -5.51
N ASP B 377 33.18 35.19 -5.21
CA ASP B 377 32.72 35.38 -3.83
C ASP B 377 32.16 34.11 -3.20
N TYR B 378 31.52 33.27 -4.00
CA TYR B 378 30.83 32.09 -3.48
C TYR B 378 31.75 31.24 -2.63
N ASP B 379 31.28 30.87 -1.44
CA ASP B 379 32.05 30.06 -0.53
C ASP B 379 31.67 28.59 -0.62
N ARG B 380 32.55 27.80 -1.20
CA ARG B 380 32.34 26.37 -1.32
C ARG B 380 32.33 25.73 0.06
N SER B 381 33.19 26.25 0.93
CA SER B 381 33.39 25.71 2.27
C SER B 381 32.17 25.71 3.18
N THR B 382 31.41 26.80 3.19
CA THR B 382 30.25 26.87 4.07
C THR B 382 28.89 26.93 3.38
N SER B 383 28.87 26.75 2.07
CA SER B 383 27.62 26.86 1.33
C SER B 383 26.73 25.64 1.61
N ASN B 384 25.41 25.88 1.68
CA ASN B 384 24.44 24.79 1.87
C ASN B 384 23.94 24.22 0.53
N ILE B 385 24.56 24.66 -0.57
CA ILE B 385 24.18 24.27 -1.93
C ILE B 385 25.19 23.29 -2.51
N ASP B 386 24.82 22.02 -2.67
CA ASP B 386 25.76 21.07 -3.25
C ASP B 386 25.89 21.33 -4.72
N PRO B 387 27.12 21.51 -5.17
CA PRO B 387 27.38 21.78 -6.58
C PRO B 387 27.24 20.54 -7.48
N LEU B 388 27.47 19.37 -6.91
CA LEU B 388 27.28 18.12 -7.62
C LEU B 388 25.81 17.87 -7.90
N LYS B 389 24.96 18.30 -6.98
CA LYS B 389 23.52 18.04 -7.03
C LYS B 389 22.63 19.25 -7.38
N THR B 390 23.11 20.10 -8.26
CA THR B 390 22.39 21.31 -8.68
C THR B 390 21.29 21.03 -9.72
N ALA B 391 21.28 19.83 -10.28
CA ALA B 391 20.17 19.38 -11.14
C ALA B 391 18.85 19.35 -10.34
N ASP B 392 18.89 18.68 -9.20
CA ASP B 392 17.73 18.55 -8.30
C ASP B 392 17.28 19.87 -7.67
N LEU B 393 18.25 20.73 -7.33
CA LEU B 393 17.95 22.02 -6.72
C LEU B 393 17.10 22.92 -7.65
N ALA B 394 17.52 23.04 -8.90
CA ALA B 394 16.76 23.78 -9.90
C ALA B 394 15.32 23.28 -9.95
N GLU B 395 15.17 21.98 -10.18
CA GLU B 395 13.85 21.36 -10.36
C GLU B 395 12.94 21.72 -9.19
N LYS B 396 13.44 21.55 -7.99
CA LYS B 396 12.64 21.81 -6.81
C LYS B 396 12.17 23.24 -6.81
N LEU B 397 13.05 24.17 -7.12
CA LEU B 397 12.72 25.59 -7.22
C LEU B 397 11.77 25.94 -8.34
N PHE B 398 12.00 25.37 -9.51
CA PHE B 398 11.15 25.67 -10.64
C PHE B 398 9.74 25.20 -10.40
N LYS B 399 9.62 23.98 -9.93
CA LYS B 399 8.32 23.39 -9.65
C LYS B 399 7.67 23.90 -8.36
N LEU B 400 8.47 24.15 -7.31
CA LEU B 400 7.94 24.76 -6.09
C LEU B 400 7.35 26.14 -6.39
N SER B 401 8.00 26.86 -7.28
CA SER B 401 7.57 28.18 -7.72
C SER B 401 6.20 28.13 -8.37
N ARG B 402 5.94 27.05 -9.11
CA ARG B 402 4.67 26.81 -9.77
C ARG B 402 3.70 25.95 -8.98
N GLY B 403 4.11 25.51 -7.80
CA GLY B 403 3.31 24.63 -6.97
C GLY B 403 3.02 23.26 -7.53
N ARG B 404 4.01 22.70 -8.20
CA ARG B 404 3.90 21.36 -8.78
C ARG B 404 5.06 20.47 -8.29
N TYR B 405 5.53 20.71 -7.07
CA TYR B 405 6.64 19.94 -6.56
C TYR B 405 6.08 18.82 -5.72
N GLY B 406 5.87 17.68 -6.35
CA GLY B 406 5.23 16.55 -5.71
C GLY B 406 6.20 15.56 -5.14
N LEU B 407 6.47 15.69 -3.85
CA LEU B 407 7.20 14.67 -3.11
C LEU B 407 6.27 13.56 -2.62
N PRO B 408 6.82 12.34 -2.44
CA PRO B 408 6.04 11.21 -1.95
C PRO B 408 5.90 11.25 -0.45
N LEU B 409 4.91 10.53 0.07
CA LEU B 409 4.74 10.43 1.50
C LEU B 409 5.66 9.35 2.01
N SER B 410 6.90 9.71 2.22
CA SER B 410 7.89 8.75 2.66
C SER B 410 7.67 8.52 4.14
N SER B 411 8.00 7.31 4.58
CA SER B 411 7.97 6.99 5.99
C SER B 411 9.28 7.47 6.64
N ARG B 412 9.22 7.79 7.93
CA ARG B 412 10.40 8.21 8.68
C ARG B 412 11.37 7.04 8.88
N PRO B 413 12.69 7.28 8.68
CA PRO B 413 13.64 6.17 8.79
C PRO B 413 13.96 5.86 10.23
N VAL B 414 14.46 4.65 10.48
CA VAL B 414 14.70 4.20 11.85
C VAL B 414 15.53 5.18 12.68
N VAL B 415 15.34 5.16 13.98
CA VAL B 415 16.16 5.97 14.85
C VAL B 415 17.54 5.34 14.90
N LYS B 416 18.55 6.20 14.87
CA LYS B 416 19.93 5.80 15.09
C LYS B 416 20.25 6.01 16.57
N SER B 417 19.69 7.08 17.15
CA SER B 417 20.02 7.55 18.51
C SER B 417 18.79 8.08 19.24
N MET B 418 18.80 7.92 20.56
CA MET B 418 17.81 8.50 21.45
C MET B 418 18.54 9.09 22.66
N MET B 419 18.18 10.30 23.06
CA MET B 419 18.87 10.93 24.18
C MET B 419 17.97 11.54 25.26
N SER B 420 18.40 11.41 26.51
CA SER B 420 17.74 12.03 27.63
C SER B 420 18.81 12.77 28.44
N ASN B 421 18.58 14.04 28.77
CA ASN B 421 19.55 14.78 29.55
C ASN B 421 18.92 15.85 30.44
N LYS B 422 19.71 16.44 31.32
CA LYS B 422 19.27 17.55 32.16
C LYS B 422 20.38 18.58 32.31
N ASN B 423 20.07 19.83 31.99
CA ASN B 423 21.03 20.89 32.18
C ASN B 423 20.97 21.21 33.66
N LEU B 424 22.13 21.16 34.31
CA LEU B 424 22.19 21.32 35.75
C LEU B 424 22.68 22.68 36.19
N ARG B 425 21.96 23.25 37.14
CA ARG B 425 22.32 24.54 37.71
C ARG B 425 22.25 24.38 39.22
N GLY B 426 23.12 25.08 39.92
CA GLY B 426 23.20 24.94 41.37
C GLY B 426 24.09 23.73 41.56
N LYS B 427 23.96 23.05 42.69
CA LYS B 427 24.74 21.86 42.95
C LYS B 427 23.88 20.61 42.90
N SER B 428 22.85 20.63 42.06
CA SER B 428 21.95 19.50 42.00
C SER B 428 22.74 18.26 41.65
N CYS B 429 23.95 18.45 41.13
CA CYS B 429 24.83 17.32 40.85
C CYS B 429 26.23 17.47 41.45
N ASN B 430 26.34 17.30 42.76
CA ASN B 430 27.62 17.38 43.47
C ASN B 430 28.33 16.06 43.80
N SER B 431 27.72 14.93 43.46
CA SER B 431 28.32 13.63 43.72
C SER B 431 27.78 12.50 42.83
N ILE B 432 28.52 11.40 42.82
CA ILE B 432 28.07 10.16 42.22
C ILE B 432 26.60 9.85 42.54
N VAL B 433 26.20 10.01 43.79
CA VAL B 433 24.85 9.70 44.20
C VAL B 433 23.85 10.57 43.49
N ASP B 434 24.17 11.84 43.33
CA ASP B 434 23.31 12.77 42.65
C ASP B 434 23.12 12.46 41.18
N CYS B 435 24.19 12.04 40.55
CA CYS B 435 24.18 11.66 39.12
C CYS B 435 23.34 10.42 38.91
N ILE B 436 23.46 9.48 39.85
CA ILE B 436 22.70 8.25 39.80
C ILE B 436 21.20 8.51 39.99
N SER B 437 20.81 9.42 40.85
CA SER B 437 19.41 9.81 40.92
C SER B 437 18.88 10.30 39.55
N TRP B 438 19.68 11.10 38.85
CA TRP B 438 19.28 11.60 37.54
C TRP B 438 19.23 10.49 36.48
N LEU B 439 20.14 9.51 36.55
CA LEU B 439 20.16 8.44 35.55
C LEU B 439 18.90 7.59 35.61
N GLU B 440 18.33 7.49 36.81
CA GLU B 440 17.06 6.79 36.99
C GLU B 440 15.98 7.46 36.15
N VAL B 441 16.02 8.80 36.10
CA VAL B 441 15.04 9.53 35.33
C VAL B 441 15.27 9.33 33.84
N PHE B 442 16.51 9.28 33.43
CA PHE B 442 16.85 9.04 32.03
C PHE B 442 16.42 7.68 31.51
N CYS B 443 16.60 6.64 32.30
CA CYS B 443 16.20 5.30 31.90
C CYS B 443 14.71 5.18 31.76
N ALA B 444 14.00 5.77 32.70
CA ALA B 444 12.57 5.75 32.73
C ALA B 444 12.06 6.46 31.51
N GLU B 445 12.69 7.56 31.18
CA GLU B 445 12.29 8.33 30.01
C GLU B 445 12.63 7.62 28.71
N LEU B 446 13.85 7.13 28.59
CA LEU B 446 14.22 6.39 27.37
C LEU B 446 13.40 5.10 27.22
N THR B 447 13.13 4.40 28.32
CA THR B 447 12.28 3.21 28.30
C THR B 447 10.90 3.50 27.67
N SER B 448 10.23 4.57 28.09
CA SER B 448 8.91 4.85 27.55
C SER B 448 8.97 5.31 26.10
N ARG B 449 10.07 5.93 25.72
CA ARG B 449 10.25 6.30 24.32
C ARG B 449 10.52 5.09 23.43
N ILE B 450 11.17 4.08 23.98
CA ILE B 450 11.39 2.83 23.25
C ILE B 450 10.03 2.18 23.00
N GLN B 451 9.17 2.25 24.00
CA GLN B 451 7.84 1.66 23.94
C GLN B 451 7.01 2.31 22.84
N ASP B 452 7.13 3.62 22.73
CA ASP B 452 6.42 4.37 21.69
C ASP B 452 6.91 3.90 20.32
N LEU B 453 8.21 3.71 20.19
CA LEU B 453 8.77 3.28 18.90
C LEU B 453 8.27 1.90 18.51
N GLU B 454 8.23 0.98 19.45
CA GLU B 454 7.80 -0.36 19.14
C GLU B 454 6.39 -0.34 18.61
N GLN B 455 5.55 0.50 19.18
CA GLN B 455 4.23 0.70 18.66
C GLN B 455 4.25 1.30 17.26
N GLU B 456 5.13 2.26 17.03
CA GLU B 456 5.21 2.90 15.75
C GLU B 456 5.61 1.92 14.68
N TYR B 457 6.58 1.10 15.01
CA TYR B 457 7.14 0.11 14.07
C TYR B 457 6.41 -1.20 14.07
N ASN B 458 5.73 -1.51 15.16
CA ASN B 458 5.21 -2.86 15.43
C ASN B 458 6.33 -3.90 15.37
N LYS B 459 7.51 -3.51 15.84
CA LYS B 459 8.70 -4.38 15.86
C LYS B 459 9.43 -4.12 17.14
N ILE B 460 10.08 -5.14 17.70
CA ILE B 460 10.82 -4.94 18.93
C ILE B 460 12.09 -4.15 18.67
N VAL B 461 12.29 -3.12 19.48
CA VAL B 461 13.44 -2.24 19.39
C VAL B 461 14.27 -2.39 20.64
N ILE B 462 15.56 -2.64 20.46
CA ILE B 462 16.44 -2.87 21.59
C ILE B 462 17.84 -2.29 21.33
N PRO B 463 18.28 -1.36 22.19
CA PRO B 463 19.59 -0.71 22.04
C PRO B 463 20.75 -1.57 22.56
N ARG B 464 21.86 -1.60 21.85
CA ARG B 464 22.99 -2.38 22.32
C ARG B 464 24.12 -1.55 22.90
N THR B 465 24.09 -0.25 22.67
CA THR B 465 25.13 0.65 23.15
C THR B 465 24.58 1.81 23.96
N VAL B 466 25.19 2.10 25.09
CA VAL B 466 24.80 3.21 25.96
C VAL B 466 25.96 4.17 26.05
N SER B 467 25.68 5.45 26.17
CA SER B 467 26.76 6.41 26.27
C SER B 467 26.40 7.45 27.32
N ILE B 468 27.21 7.59 28.34
CA ILE B 468 27.01 8.59 29.36
C ILE B 468 27.95 9.76 29.10
N SER B 469 27.45 10.97 29.22
CA SER B 469 28.29 12.14 29.03
C SER B 469 27.85 13.26 29.96
N LEU B 470 28.75 14.20 30.17
CA LEU B 470 28.53 15.25 31.16
C LEU B 470 29.38 16.47 30.85
N LYS B 471 29.00 17.60 31.43
CA LYS B 471 29.85 18.76 31.41
C LYS B 471 30.18 19.17 32.83
N THR B 472 31.47 19.42 33.05
CA THR B 472 31.97 19.78 34.36
C THR B 472 31.64 21.24 34.72
N LYS B 473 31.99 21.58 35.95
CA LYS B 473 31.90 22.92 36.44
C LYS B 473 32.43 23.92 35.43
N SER B 474 33.52 23.59 34.73
CA SER B 474 34.12 24.49 33.75
C SER B 474 33.72 24.14 32.30
N TYR B 475 32.63 23.37 32.16
CA TYR B 475 32.02 23.09 30.85
C TYR B 475 32.79 22.10 29.95
N GLU B 476 33.80 21.42 30.52
CA GLU B 476 34.50 20.36 29.80
C GLU B 476 33.62 19.13 29.68
N VAL B 477 33.80 18.42 28.57
CA VAL B 477 33.00 17.28 28.21
C VAL B 477 33.73 16.00 28.58
N TYR B 478 33.04 15.12 29.29
CA TYR B 478 33.51 13.77 29.58
C TYR B 478 32.45 12.82 29.02
N ARG B 479 32.89 11.63 28.59
CA ARG B 479 32.01 10.68 27.95
C ARG B 479 32.54 9.24 28.04
N LYS B 480 31.63 8.29 28.22
CA LYS B 480 31.93 6.86 28.17
C LYS B 480 30.83 6.10 27.45
N SER B 481 31.21 5.35 26.41
CA SER B 481 30.30 4.47 25.65
C SER B 481 30.70 3.02 25.79
N GLY B 482 29.70 2.15 25.79
CA GLY B 482 29.97 0.72 25.84
C GLY B 482 28.71 -0.07 25.60
N PRO B 483 28.87 -1.38 25.49
CA PRO B 483 27.75 -2.29 25.22
C PRO B 483 26.84 -2.51 26.42
N VAL B 484 25.58 -2.77 26.14
CA VAL B 484 24.68 -3.19 27.18
C VAL B 484 24.20 -4.59 26.84
N ALA B 485 24.34 -5.49 27.80
CA ALA B 485 24.07 -6.90 27.61
C ALA B 485 22.84 -7.30 28.39
N TYR B 486 21.95 -8.00 27.72
CA TYR B 486 20.67 -8.38 28.33
C TYR B 486 20.63 -9.82 28.79
N LYS B 487 20.44 -10.02 30.09
CA LYS B 487 20.35 -11.34 30.68
C LYS B 487 19.23 -12.11 29.99
N GLY B 488 18.26 -11.38 29.44
CA GLY B 488 17.16 -12.00 28.70
C GLY B 488 17.22 -11.70 27.21
N ILE B 489 16.29 -12.30 26.48
CA ILE B 489 16.13 -12.04 25.06
C ILE B 489 15.62 -10.62 24.84
N ASN B 490 14.82 -10.13 25.78
CA ASN B 490 14.20 -8.79 25.71
C ASN B 490 15.10 -7.63 26.20
N PHE B 491 14.50 -6.45 26.30
CA PHE B 491 15.17 -5.30 26.84
C PHE B 491 14.64 -5.03 28.22
N GLN B 492 15.54 -4.96 29.19
CA GLN B 492 15.16 -4.67 30.54
C GLN B 492 15.81 -3.36 30.91
N SER B 493 15.02 -2.43 31.40
CA SER B 493 15.48 -1.10 31.70
C SER B 493 16.60 -1.14 32.73
N HIS B 494 16.47 -2.02 33.69
CA HIS B 494 17.45 -2.13 34.78
C HIS B 494 18.86 -2.46 34.30
N GLU B 495 18.97 -3.16 33.18
CA GLU B 495 20.25 -3.44 32.58
C GLU B 495 20.90 -2.17 32.10
N LEU B 496 20.09 -1.28 31.56
CA LEU B 496 20.54 0.02 31.09
C LEU B 496 21.06 0.90 32.21
N LEU B 497 20.36 0.89 33.33
CA LEU B 497 20.75 1.69 34.46
C LEU B 497 22.07 1.27 35.09
N LYS B 498 22.31 -0.03 35.17
CA LYS B 498 23.52 -0.55 35.83
C LYS B 498 24.77 -0.17 35.05
N VAL B 499 24.66 -0.20 33.72
CA VAL B 499 25.76 0.27 32.86
C VAL B 499 25.89 1.79 32.95
N GLY B 500 24.78 2.50 32.96
CA GLY B 500 24.81 3.92 33.22
C GLY B 500 25.53 4.23 34.53
N ILE B 501 25.22 3.46 35.56
CA ILE B 501 25.86 3.64 36.85
C ILE B 501 27.39 3.38 36.82
N LYS B 502 27.85 2.41 36.03
CA LYS B 502 29.26 2.06 36.06
C LYS B 502 30.08 3.13 35.32
N PHE B 503 29.52 3.63 34.22
CA PHE B 503 30.14 4.71 33.46
C PHE B 503 30.21 6.00 34.27
N VAL B 504 29.13 6.32 34.98
CA VAL B 504 29.10 7.48 35.84
C VAL B 504 30.22 7.33 36.86
N THR B 505 30.33 6.15 37.45
CA THR B 505 31.38 5.85 38.43
C THR B 505 32.79 5.93 37.84
N ASP B 506 32.95 5.50 36.58
CA ASP B 506 34.25 5.49 35.92
C ASP B 506 34.74 6.92 35.70
N LEU B 507 33.87 7.79 35.21
CA LEU B 507 34.21 9.18 34.96
C LEU B 507 34.44 9.98 36.26
N ASP B 508 33.80 9.58 37.34
CA ASP B 508 34.15 10.15 38.63
C ASP B 508 35.64 9.88 38.90
N ILE B 509 36.08 8.64 38.74
CA ILE B 509 37.48 8.32 39.02
C ILE B 509 38.37 9.15 38.10
N LYS B 510 37.97 9.26 36.86
CA LYS B 510 38.73 10.00 35.87
C LYS B 510 38.94 11.50 36.19
N GLY B 511 38.02 12.10 36.92
CA GLY B 511 38.13 13.52 37.22
C GLY B 511 38.44 13.89 38.65
N LYS B 512 39.22 13.09 39.37
CA LYS B 512 39.40 13.31 40.81
C LYS B 512 40.01 14.64 41.26
N ASN B 513 41.13 15.01 40.66
CA ASN B 513 41.79 16.24 41.06
C ASN B 513 41.74 17.16 39.84
N LYS B 514 40.60 17.16 39.20
CA LYS B 514 40.38 17.90 37.98
C LYS B 514 39.11 18.65 38.19
N SER B 515 38.83 19.62 37.33
CA SER B 515 37.57 20.33 37.43
C SER B 515 36.46 19.31 37.19
N TYR B 516 35.40 19.37 37.98
CA TYR B 516 34.32 18.41 37.86
C TYR B 516 33.03 18.91 38.47
N TYR B 517 32.74 18.48 39.69
CA TYR B 517 31.54 18.91 40.39
C TYR B 517 31.64 20.37 40.82
N PRO B 518 30.52 21.06 40.87
CA PRO B 518 29.20 20.54 40.52
C PRO B 518 29.03 20.46 39.00
N LEU B 519 28.37 19.41 38.51
CA LEU B 519 28.18 19.24 37.08
C LEU B 519 27.22 20.27 36.54
N THR B 520 27.38 20.62 35.26
CA THR B 520 26.50 21.60 34.59
C THR B 520 25.52 20.94 33.63
N LYS B 521 25.86 19.75 33.16
CA LYS B 521 25.02 18.97 32.22
C LYS B 521 25.34 17.47 32.40
N LEU B 522 24.33 16.62 32.26
CA LEU B 522 24.49 15.16 32.30
C LEU B 522 23.48 14.49 31.35
N SER B 523 23.95 13.51 30.57
CA SER B 523 23.16 12.85 29.51
C SER B 523 23.32 11.34 29.45
N MET B 524 22.29 10.69 28.92
CA MET B 524 22.32 9.28 28.55
C MET B 524 21.83 9.20 27.11
N THR B 525 22.63 8.56 26.27
CA THR B 525 22.28 8.33 24.88
C THR B 525 22.35 6.84 24.56
N ILE B 526 21.33 6.34 23.87
CA ILE B 526 21.30 4.95 23.41
C ILE B 526 21.37 4.90 21.88
N THR B 527 22.14 3.91 21.37
CA THR B 527 22.39 3.76 19.94
C THR B 527 22.58 2.28 19.58
N ASN B 528 22.88 1.99 18.32
CA ASN B 528 23.05 0.62 17.88
C ASN B 528 21.88 -0.28 18.23
N PHE B 529 20.70 0.12 17.74
CA PHE B 529 19.46 -0.62 17.93
C PHE B 529 19.29 -1.81 17.00
N ASP B 530 18.89 -2.94 17.53
CA ASP B 530 18.52 -4.06 16.69
C ASP B 530 17.01 -3.94 16.55
N ILE B 531 16.49 -3.67 15.37
CA ILE B 531 15.02 -3.65 15.22
C ILE B 531 14.54 -5.04 14.78
N ILE B 532 13.97 -5.80 15.71
CA ILE B 532 13.67 -7.21 15.43
C ILE B 532 12.21 -7.61 15.71
N ASP B 533 11.72 -7.57 16.85
#